data_1JCK
#
_entry.id   1JCK
#
_cell.length_a   82.400
_cell.length_b   87.600
_cell.length_c   71.400
_cell.angle_alpha   90.00
_cell.angle_beta   93.30
_cell.angle_gamma   90.00
#
_symmetry.space_group_name_H-M   'P 1 21 1'
#
loop_
_entity.id
_entity.type
_entity.pdbx_description
1 polymer '14.3.D T CELL ANTIGEN RECEPTOR'
2 polymer 'STAPHYLOCOCCAL ENTEROTOXIN C3'
#
loop_
_entity_poly.entity_id
_entity_poly.type
_entity_poly.pdbx_seq_one_letter_code
_entity_poly.pdbx_strand_id
1 'polypeptide(L)'
;AVTQSPRNKVAVTGGKVTLSCQQTNNHNNMYWYRQDTGHGLRLIHYSYGAGSTEKGDIPDGYKASRPSQEQFSLILELAT
PSQTSVYFCASGGGRGSYAEQFFGPGTRLTVLEDLRQVTPPKVSLFEPSKAEIANKQKATLVCLARGFFPDHVELSWWVN
GKEVHSGVSTDPQAYKESNYSYCLSSRLRVSATFWHNPRNHFRCQVQFHGLSEEDKWPEGSPKPVTQNISAEAWGRAD
;
A,C
2 'polypeptide(L)'
;ESQPDPMPDDLHKSSEFTGTMGNMKYLYDDHYVSATKVKSVDKFLAHDLIYNINDKKLNNYDKVKTELLNEDLANKYKDE
VVDVYGSNYYVNCYFSSKDNVGKVTSGKTCMYGGITKHEGNHFDNGNLQNVLIRVYENKRNTISFEVQTDKKSVTAQELD
IKARNFLINKKNLYEFNSSPYETGYIKFIESNGNTFWYDMMPAPGDKFDQSKYLMIYKDNKMVDSKSVKIEVHLTTKNG
;
B,D
#
# COMPACT_ATOMS: atom_id res chain seq x y z
N ALA A 1 15.31 -7.13 -0.59
CA ALA A 1 14.27 -7.52 -1.59
C ALA A 1 13.10 -8.17 -0.87
N VAL A 2 12.09 -8.57 -1.64
CA VAL A 2 10.92 -9.26 -1.11
C VAL A 2 10.39 -9.93 -2.36
N THR A 3 10.76 -11.18 -2.54
CA THR A 3 10.35 -11.92 -3.71
C THR A 3 8.96 -12.54 -3.50
N GLN A 4 8.39 -13.10 -4.55
CA GLN A 4 7.09 -13.72 -4.46
C GLN A 4 7.08 -14.91 -5.40
N SER A 5 6.23 -15.87 -5.10
CA SER A 5 6.17 -17.07 -5.89
C SER A 5 4.95 -17.85 -5.46
N PRO A 6 4.17 -18.35 -6.43
CA PRO A 6 4.39 -18.19 -7.86
C PRO A 6 4.03 -16.77 -8.20
N ARG A 7 4.35 -16.34 -9.42
CA ARG A 7 4.02 -14.98 -9.83
C ARG A 7 2.76 -14.91 -10.70
N ASN A 8 2.17 -16.08 -10.94
CA ASN A 8 0.97 -16.24 -11.75
C ASN A 8 0.43 -17.64 -11.50
N LYS A 9 -0.87 -17.76 -11.28
CA LYS A 9 -1.39 -19.09 -11.02
C LYS A 9 -2.84 -19.26 -11.46
N VAL A 10 -3.10 -20.37 -12.16
CA VAL A 10 -4.44 -20.70 -12.60
C VAL A 10 -4.76 -21.93 -11.75
N ALA A 11 -5.70 -21.79 -10.84
CA ALA A 11 -6.03 -22.92 -9.99
C ALA A 11 -7.51 -23.13 -10.15
N VAL A 12 -7.98 -24.35 -9.88
CA VAL A 12 -9.41 -24.63 -9.99
C VAL A 12 -10.04 -24.54 -8.61
N THR A 13 -11.35 -24.34 -8.58
CA THR A 13 -12.07 -24.25 -7.32
C THR A 13 -11.87 -25.57 -6.55
N GLY A 14 -11.81 -25.49 -5.22
CA GLY A 14 -11.62 -26.69 -4.43
C GLY A 14 -10.17 -27.06 -4.23
N GLY A 15 -9.26 -26.44 -4.99
CA GLY A 15 -7.85 -26.75 -4.84
C GLY A 15 -7.16 -25.93 -3.77
N LYS A 16 -6.07 -26.46 -3.22
CA LYS A 16 -5.31 -25.78 -2.18
C LYS A 16 -4.15 -25.09 -2.88
N VAL A 17 -4.00 -23.80 -2.63
CA VAL A 17 -2.93 -23.04 -3.26
C VAL A 17 -2.02 -22.50 -2.16
N THR A 18 -0.77 -22.27 -2.51
CA THR A 18 0.18 -21.74 -1.55
C THR A 18 1.10 -20.75 -2.30
N LEU A 19 1.19 -19.53 -1.76
CA LEU A 19 2.03 -18.48 -2.34
C LEU A 19 3.06 -18.15 -1.27
N SER A 20 4.33 -18.17 -1.63
CA SER A 20 5.39 -17.86 -0.68
C SER A 20 5.89 -16.43 -0.88
N CYS A 21 6.62 -15.93 0.10
CA CYS A 21 7.19 -14.59 0.06
C CYS A 21 8.48 -14.58 0.87
N GLN A 22 9.58 -14.20 0.23
CA GLN A 22 10.88 -14.17 0.89
C GLN A 22 11.31 -12.75 1.13
N GLN A 23 12.03 -12.50 2.22
CA GLN A 23 12.51 -11.15 2.51
C GLN A 23 13.95 -11.06 2.97
N THR A 24 14.83 -10.64 2.07
CA THR A 24 16.25 -10.51 2.38
C THR A 24 16.64 -9.23 3.14
N ASN A 25 15.65 -8.60 3.80
CA ASN A 25 15.87 -7.36 4.54
C ASN A 25 15.97 -7.58 6.05
N ASN A 26 15.74 -8.81 6.49
CA ASN A 26 15.77 -9.19 7.91
C ASN A 26 14.71 -8.44 8.72
N HIS A 27 13.56 -8.22 8.11
CA HIS A 27 12.48 -7.52 8.78
C HIS A 27 11.76 -8.47 9.73
N ASN A 28 11.11 -7.90 10.72
CA ASN A 28 10.35 -8.66 11.70
C ASN A 28 9.02 -9.02 11.12
N ASN A 29 8.31 -8.01 10.66
CA ASN A 29 6.99 -8.20 10.11
C ASN A 29 6.93 -8.60 8.63
N MET A 30 5.82 -9.19 8.26
CA MET A 30 5.56 -9.59 6.90
C MET A 30 4.06 -9.50 6.82
N TYR A 31 3.53 -9.17 5.64
CA TYR A 31 2.10 -9.01 5.45
C TYR A 31 1.63 -9.65 4.18
N TRP A 32 0.42 -10.18 4.20
CA TRP A 32 -0.16 -10.80 3.03
C TRP A 32 -1.44 -10.09 2.67
N TYR A 33 -1.32 -9.23 1.65
CA TYR A 33 -2.41 -8.41 1.14
C TYR A 33 -2.98 -8.96 -0.18
N ARG A 34 -4.14 -8.45 -0.56
CA ARG A 34 -4.78 -8.82 -1.82
C ARG A 34 -5.46 -7.57 -2.36
N GLN A 35 -4.98 -7.12 -3.53
CA GLN A 35 -5.51 -5.94 -4.19
C GLN A 35 -6.65 -6.41 -5.08
N ASP A 36 -7.81 -5.77 -5.01
CA ASP A 36 -8.92 -6.18 -5.86
C ASP A 36 -9.48 -5.05 -6.68
N THR A 37 -9.66 -5.29 -7.98
CA THR A 37 -10.21 -4.27 -8.86
C THR A 37 -11.53 -3.78 -8.27
N GLY A 38 -11.57 -2.49 -8.00
CA GLY A 38 -12.77 -1.90 -7.44
C GLY A 38 -12.60 -1.61 -5.96
N HIS A 39 -11.90 -2.51 -5.28
CA HIS A 39 -11.63 -2.38 -3.86
C HIS A 39 -10.18 -1.95 -3.75
N GLY A 40 -9.64 -1.90 -2.55
CA GLY A 40 -8.26 -1.48 -2.42
C GLY A 40 -7.30 -2.61 -2.07
N LEU A 41 -6.17 -2.23 -1.49
CA LEU A 41 -5.14 -3.17 -1.03
C LEU A 41 -5.65 -3.54 0.35
N ARG A 42 -6.00 -4.81 0.56
CA ARG A 42 -6.50 -5.26 1.85
C ARG A 42 -5.60 -6.26 2.51
N LEU A 43 -5.50 -6.16 3.85
CA LEU A 43 -4.66 -7.02 4.68
C LEU A 43 -5.39 -8.25 5.14
N ILE A 44 -4.82 -9.39 4.79
CA ILE A 44 -5.39 -10.68 5.11
C ILE A 44 -4.87 -11.23 6.44
N HIS A 45 -3.54 -11.37 6.55
CA HIS A 45 -2.82 -11.88 7.75
C HIS A 45 -1.43 -11.21 7.79
N TYR A 46 -0.85 -11.09 8.97
CA TYR A 46 0.50 -10.52 9.12
C TYR A 46 1.21 -11.19 10.29
N SER A 47 2.50 -10.94 10.47
CA SER A 47 3.20 -11.59 11.56
C SER A 47 4.35 -10.77 12.08
N TYR A 48 4.45 -10.68 13.40
CA TYR A 48 5.49 -9.89 14.08
C TYR A 48 6.83 -10.59 14.31
N GLY A 49 6.88 -11.87 13.95
CA GLY A 49 8.09 -12.66 14.11
C GLY A 49 7.82 -14.13 13.85
N ALA A 50 8.88 -14.86 13.54
CA ALA A 50 8.78 -16.30 13.26
C ALA A 50 7.96 -17.03 14.31
N GLY A 51 6.92 -17.71 13.85
CA GLY A 51 6.07 -18.47 14.74
C GLY A 51 4.89 -17.72 15.30
N SER A 52 4.38 -16.76 14.55
CA SER A 52 3.25 -15.95 14.94
C SER A 52 2.55 -15.46 13.71
N THR A 53 1.22 -15.54 13.65
CA THR A 53 0.49 -15.00 12.50
C THR A 53 -0.90 -14.52 12.87
N GLU A 54 -1.02 -13.20 12.96
CA GLU A 54 -2.27 -12.57 13.32
C GLU A 54 -3.18 -12.32 12.14
N LYS A 55 -4.47 -12.35 12.43
CA LYS A 55 -5.49 -12.12 11.44
C LYS A 55 -5.48 -10.64 11.09
N GLY A 56 -5.60 -10.33 9.80
CA GLY A 56 -5.66 -8.95 9.36
C GLY A 56 -7.13 -8.60 9.12
N ASP A 57 -7.39 -7.57 8.32
CA ASP A 57 -8.76 -7.16 8.01
C ASP A 57 -9.61 -8.31 7.48
N ILE A 58 -9.06 -9.03 6.51
CA ILE A 58 -9.78 -10.12 5.91
C ILE A 58 -9.00 -11.44 5.93
N PRO A 59 -9.13 -12.19 7.02
CA PRO A 59 -8.44 -13.47 7.20
C PRO A 59 -9.19 -14.64 6.57
N ASP A 60 -10.52 -14.59 6.61
CA ASP A 60 -11.41 -15.65 6.10
C ASP A 60 -10.90 -16.42 4.89
N GLY A 61 -10.87 -17.74 5.00
CA GLY A 61 -10.41 -18.57 3.89
C GLY A 61 -8.91 -18.81 3.82
N TYR A 62 -8.13 -17.87 4.34
CA TYR A 62 -6.69 -18.01 4.30
C TYR A 62 -6.06 -18.41 5.63
N LYS A 63 -4.97 -19.14 5.51
CA LYS A 63 -4.15 -19.53 6.65
C LYS A 63 -2.86 -18.87 6.26
N ALA A 64 -1.90 -18.84 7.16
CA ALA A 64 -0.65 -18.23 6.81
C ALA A 64 0.33 -18.87 7.73
N SER A 65 1.61 -18.74 7.46
CA SER A 65 2.58 -19.34 8.33
C SER A 65 3.83 -18.50 8.27
N ARG A 66 4.49 -18.40 9.41
CA ARG A 66 5.74 -17.67 9.50
C ARG A 66 6.68 -18.66 10.14
N PRO A 67 7.06 -19.69 9.37
CA PRO A 67 7.95 -20.78 9.76
C PRO A 67 9.41 -20.35 9.99
N SER A 68 9.83 -19.35 9.26
CA SER A 68 11.16 -18.81 9.35
C SER A 68 10.97 -17.31 9.45
N GLN A 69 12.05 -16.56 9.67
CA GLN A 69 11.89 -15.13 9.73
C GLN A 69 11.81 -14.58 8.30
N GLU A 70 12.52 -15.24 7.40
CA GLU A 70 12.53 -14.83 6.00
C GLU A 70 11.27 -15.16 5.23
N GLN A 71 10.54 -16.19 5.64
CA GLN A 71 9.36 -16.59 4.92
C GLN A 71 8.05 -16.45 5.63
N PHE A 72 7.04 -16.07 4.87
CA PHE A 72 5.69 -15.91 5.35
C PHE A 72 4.94 -16.47 4.15
N SER A 73 4.02 -17.43 4.35
CA SER A 73 3.27 -18.02 3.24
C SER A 73 1.77 -18.10 3.49
N LEU A 74 0.99 -17.53 2.58
CA LEU A 74 -0.47 -17.52 2.68
C LEU A 74 -1.04 -18.79 2.06
N ILE A 75 -1.87 -19.50 2.81
CA ILE A 75 -2.47 -20.73 2.32
C ILE A 75 -3.97 -20.66 2.06
N LEU A 76 -4.32 -21.11 0.86
CA LEU A 76 -5.71 -21.14 0.40
C LEU A 76 -6.07 -22.61 0.37
N GLU A 77 -6.80 -23.06 1.39
CA GLU A 77 -7.19 -24.46 1.47
C GLU A 77 -8.19 -24.86 0.40
N LEU A 78 -9.35 -24.23 0.41
CA LEU A 78 -10.39 -24.52 -0.57
C LEU A 78 -10.48 -23.33 -1.49
N ALA A 79 -9.53 -23.24 -2.42
CA ALA A 79 -9.51 -22.14 -3.36
C ALA A 79 -10.90 -22.08 -3.97
N THR A 80 -11.43 -20.87 -4.03
CA THR A 80 -12.74 -20.66 -4.61
C THR A 80 -12.65 -19.49 -5.58
N PRO A 81 -13.74 -19.24 -6.31
CA PRO A 81 -13.72 -18.12 -7.27
C PRO A 81 -13.41 -16.80 -6.54
N SER A 82 -14.00 -16.64 -5.36
CA SER A 82 -13.86 -15.47 -4.52
C SER A 82 -12.40 -15.03 -4.30
N GLN A 83 -11.46 -15.96 -4.33
CA GLN A 83 -10.08 -15.59 -4.09
C GLN A 83 -9.34 -15.15 -5.32
N THR A 84 -10.07 -14.95 -6.41
CA THR A 84 -9.45 -14.49 -7.64
C THR A 84 -9.10 -13.00 -7.40
N SER A 85 -7.80 -12.74 -7.29
CA SER A 85 -7.31 -11.41 -7.02
C SER A 85 -5.81 -11.37 -7.25
N VAL A 86 -5.15 -10.30 -6.80
CA VAL A 86 -3.69 -10.12 -6.95
C VAL A 86 -3.09 -9.98 -5.56
N TYR A 87 -2.26 -10.94 -5.16
CA TYR A 87 -1.66 -10.93 -3.84
C TYR A 87 -0.32 -10.22 -3.72
N PHE A 88 -0.30 -9.24 -2.85
CA PHE A 88 0.91 -8.47 -2.59
C PHE A 88 1.37 -8.84 -1.19
N CYS A 89 2.67 -9.09 -1.07
CA CYS A 89 3.28 -9.41 0.20
C CYS A 89 4.17 -8.22 0.52
N ALA A 90 4.21 -7.82 1.79
CA ALA A 90 5.04 -6.69 2.21
C ALA A 90 5.83 -7.06 3.44
N SER A 91 7.08 -6.66 3.45
CA SER A 91 7.98 -6.92 4.57
C SER A 91 8.10 -5.56 5.25
N GLY A 92 9.04 -5.42 6.16
CA GLY A 92 9.25 -4.13 6.78
C GLY A 92 8.64 -3.77 8.13
N GLY A 93 8.36 -2.47 8.23
CA GLY A 93 7.80 -1.87 9.43
C GLY A 93 6.37 -2.25 9.76
N GLY A 94 5.88 -1.63 10.83
CA GLY A 94 4.55 -1.91 11.36
C GLY A 94 3.29 -1.82 10.52
N ARG A 95 2.29 -2.54 10.98
CA ARG A 95 0.98 -2.59 10.34
C ARG A 95 0.50 -1.14 10.11
N GLY A 96 -0.24 -0.90 9.03
CA GLY A 96 -0.73 0.43 8.73
C GLY A 96 0.32 1.53 8.57
N SER A 97 1.58 1.15 8.60
CA SER A 97 2.70 2.10 8.46
C SER A 97 3.36 1.82 7.13
N TYR A 98 2.69 2.21 6.04
CA TYR A 98 3.19 1.98 4.70
C TYR A 98 4.56 2.56 4.37
N ALA A 99 4.90 3.67 5.01
CA ALA A 99 6.17 4.31 4.76
C ALA A 99 7.39 3.44 5.04
N GLU A 100 7.21 2.32 5.74
CA GLU A 100 8.32 1.42 6.07
C GLU A 100 8.23 0.03 5.49
N GLN A 101 7.14 -0.27 4.81
CA GLN A 101 6.96 -1.58 4.22
C GLN A 101 7.65 -1.67 2.87
N PHE A 102 8.07 -2.89 2.52
CA PHE A 102 8.73 -3.16 1.25
C PHE A 102 7.83 -4.17 0.56
N PHE A 103 7.13 -3.71 -0.47
CA PHE A 103 6.20 -4.57 -1.21
C PHE A 103 6.88 -5.55 -2.15
N GLY A 104 6.17 -6.62 -2.47
CA GLY A 104 6.69 -7.64 -3.36
C GLY A 104 6.06 -7.40 -4.70
N PRO A 105 6.55 -8.05 -5.75
CA PRO A 105 6.11 -7.98 -7.16
C PRO A 105 4.63 -8.20 -7.40
N GLY A 106 4.03 -9.14 -6.69
CA GLY A 106 2.61 -9.39 -6.83
C GLY A 106 2.35 -10.70 -7.49
N THR A 107 1.35 -11.45 -7.04
CA THR A 107 1.02 -12.76 -7.62
C THR A 107 -0.38 -12.65 -8.16
N ARG A 108 -0.56 -13.01 -9.42
CA ARG A 108 -1.87 -12.99 -10.03
C ARG A 108 -2.42 -14.39 -9.95
N LEU A 109 -3.53 -14.53 -9.24
CA LEU A 109 -4.17 -15.81 -9.06
C LEU A 109 -5.62 -15.77 -9.53
N THR A 110 -5.99 -16.70 -10.40
CA THR A 110 -7.36 -16.80 -10.90
C THR A 110 -7.84 -18.25 -10.58
N VAL A 111 -8.88 -18.34 -9.76
CA VAL A 111 -9.45 -19.62 -9.36
C VAL A 111 -10.69 -19.93 -10.21
N LEU A 112 -10.46 -20.56 -11.38
CA LEU A 112 -11.54 -20.91 -12.32
C LEU A 112 -12.16 -22.31 -12.16
N GLU A 113 -13.37 -22.44 -12.70
CA GLU A 113 -14.15 -23.68 -12.62
C GLU A 113 -13.44 -24.91 -13.18
N ASP A 114 -12.88 -24.79 -14.38
CA ASP A 114 -12.16 -25.89 -15.00
C ASP A 114 -11.12 -25.36 -15.97
N LEU A 115 -9.91 -25.87 -15.83
CA LEU A 115 -8.80 -25.45 -16.66
C LEU A 115 -8.93 -25.48 -18.20
N ARG A 116 -10.06 -25.95 -18.75
CA ARG A 116 -10.16 -25.98 -20.20
C ARG A 116 -10.59 -24.62 -20.78
N GLN A 117 -10.77 -23.65 -19.89
CA GLN A 117 -11.16 -22.28 -20.25
C GLN A 117 -9.95 -21.40 -20.58
N VAL A 118 -8.76 -21.82 -20.16
CA VAL A 118 -7.54 -21.07 -20.40
C VAL A 118 -7.19 -21.09 -21.88
N THR A 119 -7.29 -19.92 -22.51
CA THR A 119 -6.99 -19.80 -23.92
C THR A 119 -5.99 -18.73 -24.21
N PRO A 120 -4.98 -19.05 -25.03
CA PRO A 120 -3.99 -18.04 -25.36
C PRO A 120 -4.74 -17.01 -26.21
N PRO A 121 -4.15 -15.82 -26.41
CA PRO A 121 -4.80 -14.78 -27.19
C PRO A 121 -4.43 -14.68 -28.68
N LYS A 122 -5.26 -13.93 -29.40
CA LYS A 122 -5.05 -13.65 -30.81
C LYS A 122 -4.47 -12.23 -30.70
N VAL A 123 -3.50 -11.90 -31.53
CA VAL A 123 -2.89 -10.57 -31.49
C VAL A 123 -2.81 -10.00 -32.92
N SER A 124 -3.34 -8.80 -33.13
CA SER A 124 -3.32 -8.25 -34.46
C SER A 124 -2.85 -6.81 -34.46
N LEU A 125 -2.41 -6.35 -35.62
CA LEU A 125 -1.96 -4.98 -35.81
C LEU A 125 -2.91 -4.25 -36.78
N PHE A 126 -3.23 -3.02 -36.45
CA PHE A 126 -4.14 -2.24 -37.27
C PHE A 126 -3.69 -0.81 -37.31
N GLU A 127 -4.33 -0.04 -38.19
CA GLU A 127 -4.05 1.36 -38.36
C GLU A 127 -5.40 2.00 -38.20
N PRO A 128 -5.51 3.02 -37.33
CA PRO A 128 -6.82 3.64 -37.19
C PRO A 128 -7.07 4.54 -38.42
N SER A 129 -8.04 5.43 -38.33
CA SER A 129 -8.35 6.32 -39.43
C SER A 129 -8.57 7.74 -38.92
N LYS A 130 -7.67 8.64 -39.29
CA LYS A 130 -7.73 10.03 -38.88
C LYS A 130 -9.04 10.67 -39.34
N ALA A 131 -9.56 10.22 -40.48
CA ALA A 131 -10.79 10.76 -41.04
C ALA A 131 -12.02 10.50 -40.16
N GLU A 132 -11.87 9.61 -39.18
CA GLU A 132 -12.97 9.27 -38.28
C GLU A 132 -13.18 10.29 -37.17
N ILE A 133 -12.16 11.11 -36.91
CA ILE A 133 -12.26 12.13 -35.86
C ILE A 133 -11.85 13.51 -36.34
N ALA A 134 -12.28 14.53 -35.60
CA ALA A 134 -11.95 15.91 -35.91
C ALA A 134 -10.56 16.23 -35.40
N ASN A 135 -10.12 15.48 -34.39
CA ASN A 135 -8.79 15.66 -33.81
C ASN A 135 -7.76 14.94 -34.66
N LYS A 136 -6.52 14.90 -34.18
CA LYS A 136 -5.44 14.26 -34.93
C LYS A 136 -5.26 12.75 -34.79
N GLN A 137 -4.59 12.19 -35.80
CA GLN A 137 -4.24 10.79 -35.96
C GLN A 137 -5.01 9.64 -35.28
N LYS A 138 -5.11 9.67 -33.95
CA LYS A 138 -5.80 8.62 -33.19
C LYS A 138 -4.92 7.37 -33.07
N ALA A 139 -3.63 7.61 -32.87
CA ALA A 139 -2.61 6.58 -32.72
C ALA A 139 -2.19 5.86 -33.99
N THR A 140 -0.89 5.90 -34.26
CA THR A 140 -0.28 5.28 -35.42
C THR A 140 -0.67 3.80 -35.60
N LEU A 141 -0.25 2.95 -34.66
CA LEU A 141 -0.55 1.53 -34.73
C LEU A 141 -1.44 1.06 -33.59
N VAL A 142 -2.19 0.00 -33.86
CA VAL A 142 -3.09 -0.59 -32.88
C VAL A 142 -2.84 -2.10 -32.70
N CYS A 143 -2.49 -2.52 -31.47
CA CYS A 143 -2.26 -3.93 -31.19
C CYS A 143 -3.52 -4.38 -30.48
N LEU A 144 -4.11 -5.48 -30.92
CA LEU A 144 -5.33 -5.91 -30.30
C LEU A 144 -5.34 -7.39 -30.03
N ALA A 145 -4.90 -7.74 -28.82
CA ALA A 145 -4.83 -9.11 -28.33
C ALA A 145 -6.18 -9.37 -27.72
N ARG A 146 -6.88 -10.37 -28.21
CA ARG A 146 -8.18 -10.67 -27.70
C ARG A 146 -8.51 -12.14 -27.74
N GLY A 147 -9.58 -12.49 -27.03
CA GLY A 147 -10.06 -13.86 -26.96
C GLY A 147 -9.22 -14.74 -26.06
N PHE A 148 -8.65 -14.15 -25.00
CA PHE A 148 -7.82 -14.90 -24.07
C PHE A 148 -8.43 -15.03 -22.69
N PHE A 149 -7.91 -15.97 -21.91
CA PHE A 149 -8.41 -16.22 -20.56
C PHE A 149 -7.46 -17.17 -19.83
N PRO A 150 -7.03 -16.84 -18.60
CA PRO A 150 -7.32 -15.66 -17.77
C PRO A 150 -6.32 -14.56 -18.16
N ASP A 151 -6.53 -13.36 -17.65
CA ASP A 151 -5.67 -12.23 -17.98
C ASP A 151 -4.23 -12.23 -17.46
N HIS A 152 -3.47 -13.29 -17.64
CA HIS A 152 -2.11 -13.24 -17.15
C HIS A 152 -1.16 -12.94 -18.29
N VAL A 153 -1.35 -11.74 -18.84
CA VAL A 153 -0.60 -11.26 -20.00
C VAL A 153 0.08 -9.92 -19.83
N GLU A 154 1.20 -9.75 -20.54
CA GLU A 154 1.97 -8.52 -20.51
C GLU A 154 2.30 -8.10 -21.93
N LEU A 155 1.72 -7.00 -22.37
CA LEU A 155 1.93 -6.50 -23.72
C LEU A 155 3.20 -5.67 -23.85
N SER A 156 3.85 -5.70 -25.02
CA SER A 156 5.07 -4.92 -25.25
C SER A 156 5.17 -4.47 -26.72
N TRP A 157 6.10 -3.56 -27.01
CA TRP A 157 6.30 -3.04 -28.36
C TRP A 157 7.79 -3.03 -28.70
N TRP A 158 8.15 -3.47 -29.90
CA TRP A 158 9.55 -3.53 -30.29
C TRP A 158 9.81 -2.97 -31.68
N VAL A 159 10.33 -1.74 -31.75
CA VAL A 159 10.64 -1.12 -33.03
C VAL A 159 12.08 -1.43 -33.46
N ASN A 160 12.21 -2.04 -34.63
CA ASN A 160 13.51 -2.38 -35.18
C ASN A 160 14.30 -3.28 -34.24
N GLY A 161 13.58 -4.12 -33.50
CA GLY A 161 14.24 -5.03 -32.59
C GLY A 161 14.50 -4.56 -31.17
N LYS A 162 14.08 -3.33 -30.87
CA LYS A 162 14.27 -2.78 -29.53
C LYS A 162 12.92 -2.52 -28.87
N GLU A 163 12.83 -2.78 -27.58
CA GLU A 163 11.59 -2.55 -26.86
C GLU A 163 11.51 -1.07 -26.60
N VAL A 164 10.45 -0.43 -27.07
CA VAL A 164 10.28 0.99 -26.85
C VAL A 164 9.29 1.21 -25.73
N HIS A 165 9.32 2.41 -25.17
CA HIS A 165 8.41 2.76 -24.09
C HIS A 165 7.85 4.16 -24.35
N SER A 166 8.43 4.83 -25.36
CA SER A 166 8.02 6.17 -25.75
C SER A 166 6.99 6.08 -26.87
N GLY A 167 5.89 6.79 -26.68
CA GLY A 167 4.83 6.79 -27.68
C GLY A 167 3.86 5.64 -27.57
N VAL A 168 4.06 4.76 -26.59
CA VAL A 168 3.17 3.63 -26.42
C VAL A 168 2.04 4.01 -25.47
N SER A 169 0.86 3.46 -25.72
CA SER A 169 -0.31 3.74 -24.88
C SER A 169 -1.14 2.48 -24.73
N THR A 170 -0.69 1.60 -23.84
CA THR A 170 -1.37 0.35 -23.57
C THR A 170 -2.47 0.61 -22.56
N ASP A 171 -3.65 0.05 -22.81
CA ASP A 171 -4.79 0.20 -21.91
C ASP A 171 -4.34 -0.13 -20.50
N PRO A 172 -4.93 0.53 -19.50
CA PRO A 172 -4.53 0.24 -18.12
C PRO A 172 -4.69 -1.23 -17.75
N GLN A 173 -5.82 -1.81 -18.10
CA GLN A 173 -6.09 -3.20 -17.77
C GLN A 173 -6.91 -3.92 -18.82
N ALA A 174 -6.78 -5.24 -18.84
CA ALA A 174 -7.51 -6.09 -19.76
C ALA A 174 -9.00 -6.04 -19.46
N TYR A 175 -9.80 -5.89 -20.51
CA TYR A 175 -11.25 -5.83 -20.39
C TYR A 175 -11.89 -7.18 -20.68
N LYS A 176 -12.79 -7.61 -19.81
CA LYS A 176 -13.45 -8.88 -20.02
C LYS A 176 -14.47 -8.70 -21.13
N GLU A 177 -14.08 -9.05 -22.35
CA GLU A 177 -14.98 -8.92 -23.51
C GLU A 177 -16.10 -9.95 -23.48
N SER A 178 -16.04 -10.85 -22.52
CA SER A 178 -17.06 -11.88 -22.30
C SER A 178 -16.70 -12.58 -20.98
N ASN A 179 -17.61 -13.40 -20.47
CA ASN A 179 -17.39 -14.11 -19.21
C ASN A 179 -16.10 -14.92 -19.20
N TYR A 180 -15.67 -15.37 -20.38
CA TYR A 180 -14.44 -16.15 -20.49
C TYR A 180 -13.58 -15.69 -21.67
N SER A 181 -13.45 -14.36 -21.78
CA SER A 181 -12.65 -13.76 -22.84
C SER A 181 -12.22 -12.39 -22.41
N TYR A 182 -10.96 -12.08 -22.65
CA TYR A 182 -10.35 -10.81 -22.30
C TYR A 182 -9.82 -10.09 -23.53
N CYS A 183 -9.89 -8.77 -23.55
CA CYS A 183 -9.39 -7.97 -24.65
C CYS A 183 -8.36 -6.97 -24.13
N LEU A 184 -7.34 -6.70 -24.92
CA LEU A 184 -6.31 -5.76 -24.52
C LEU A 184 -5.88 -5.00 -25.76
N SER A 185 -5.36 -3.78 -25.59
CA SER A 185 -4.92 -2.99 -26.75
C SER A 185 -3.98 -1.86 -26.46
N SER A 186 -2.77 -1.95 -26.99
CA SER A 186 -1.80 -0.90 -26.82
C SER A 186 -1.76 -0.12 -28.14
N ARG A 187 -1.29 1.12 -28.10
CA ARG A 187 -1.20 1.96 -29.29
C ARG A 187 0.16 2.64 -29.33
N LEU A 188 0.97 2.29 -30.31
CA LEU A 188 2.28 2.88 -30.45
C LEU A 188 2.22 3.92 -31.53
N ARG A 189 2.49 5.17 -31.16
CA ARG A 189 2.48 6.28 -32.12
C ARG A 189 3.91 6.69 -32.49
N VAL A 190 4.20 6.69 -33.78
CA VAL A 190 5.52 7.08 -34.24
C VAL A 190 5.40 8.22 -35.24
N SER A 191 6.53 8.66 -35.77
CA SER A 191 6.55 9.70 -36.76
C SER A 191 6.10 9.03 -38.07
N ALA A 192 5.16 9.66 -38.77
CA ALA A 192 4.65 9.11 -40.03
C ALA A 192 5.76 8.62 -40.96
N THR A 193 6.75 9.47 -41.21
CA THR A 193 7.85 9.08 -42.07
C THR A 193 8.48 7.80 -41.54
N PHE A 194 8.52 7.65 -40.21
CA PHE A 194 9.07 6.45 -39.60
C PHE A 194 8.19 5.26 -39.99
N TRP A 195 6.87 5.45 -39.87
CA TRP A 195 5.92 4.40 -40.21
C TRP A 195 5.94 4.13 -41.70
N HIS A 196 6.53 5.04 -42.46
CA HIS A 196 6.60 4.90 -43.91
C HIS A 196 7.93 4.41 -44.44
N ASN A 197 8.84 4.08 -43.53
CA ASN A 197 10.13 3.55 -43.93
C ASN A 197 9.98 2.03 -43.93
N PRO A 198 9.95 1.42 -45.12
CA PRO A 198 9.82 -0.03 -45.30
C PRO A 198 10.91 -0.83 -44.60
N ARG A 199 11.96 -0.15 -44.15
CA ARG A 199 13.06 -0.83 -43.46
C ARG A 199 12.78 -1.01 -41.95
N ASN A 200 11.86 -0.20 -41.43
CA ASN A 200 11.47 -0.23 -40.02
C ASN A 200 10.52 -1.36 -39.66
N HIS A 201 10.86 -2.06 -38.57
CA HIS A 201 10.09 -3.17 -38.09
C HIS A 201 9.32 -2.78 -36.83
N PHE A 202 8.14 -3.35 -36.65
CA PHE A 202 7.29 -3.07 -35.50
C PHE A 202 6.79 -4.41 -34.95
N ARG A 203 7.05 -4.70 -33.67
CA ARG A 203 6.61 -5.96 -33.07
C ARG A 203 5.79 -5.76 -31.81
N CYS A 204 4.56 -6.25 -31.84
CA CYS A 204 3.70 -6.16 -30.67
C CYS A 204 3.62 -7.56 -30.11
N GLN A 205 4.42 -7.79 -29.07
CA GLN A 205 4.48 -9.09 -28.41
C GLN A 205 3.72 -9.08 -27.09
N VAL A 206 2.90 -10.10 -26.91
CA VAL A 206 2.12 -10.24 -25.70
C VAL A 206 2.62 -11.47 -24.98
N GLN A 207 2.81 -11.36 -23.68
CA GLN A 207 3.28 -12.45 -22.88
C GLN A 207 2.08 -13.15 -22.30
N PHE A 208 1.88 -14.44 -22.57
CA PHE A 208 0.74 -15.14 -22.00
C PHE A 208 1.31 -16.08 -20.97
N HIS A 209 0.59 -16.23 -19.86
CA HIS A 209 0.97 -17.11 -18.75
C HIS A 209 -0.25 -17.99 -18.46
N GLY A 210 -0.07 -19.30 -18.55
CA GLY A 210 -1.19 -20.17 -18.33
C GLY A 210 -0.88 -21.34 -17.43
N LEU A 211 -1.18 -22.54 -17.94
CA LEU A 211 -0.95 -23.78 -17.19
C LEU A 211 0.54 -24.05 -16.88
N SER A 212 0.91 -23.82 -15.64
CA SER A 212 2.27 -24.02 -15.16
C SER A 212 2.63 -25.51 -15.20
N GLU A 213 3.93 -25.80 -15.13
CA GLU A 213 4.44 -27.17 -15.17
C GLU A 213 3.80 -28.13 -14.16
N GLU A 214 3.31 -27.60 -13.05
CA GLU A 214 2.69 -28.43 -12.01
C GLU A 214 1.20 -28.69 -12.24
N ASP A 215 0.63 -28.08 -13.27
CA ASP A 215 -0.78 -28.25 -13.58
C ASP A 215 -1.02 -29.39 -14.56
N LYS A 216 -1.60 -30.48 -14.08
CA LYS A 216 -1.88 -31.64 -14.92
C LYS A 216 -3.12 -31.37 -15.77
N TRP A 217 -2.94 -31.40 -17.08
CA TRP A 217 -4.03 -31.15 -18.02
C TRP A 217 -4.91 -32.38 -18.19
N PRO A 218 -6.25 -32.19 -18.16
CA PRO A 218 -7.19 -33.30 -18.31
C PRO A 218 -7.07 -33.91 -19.70
N GLU A 219 -6.78 -35.21 -19.74
CA GLU A 219 -6.63 -35.93 -21.01
C GLU A 219 -7.89 -35.84 -21.86
N GLY A 220 -7.72 -35.41 -23.11
CA GLY A 220 -8.85 -35.28 -24.00
C GLY A 220 -8.58 -34.26 -25.10
N SER A 221 -7.78 -33.26 -24.78
CA SER A 221 -7.45 -32.21 -25.74
C SER A 221 -6.03 -31.70 -25.52
N PRO A 222 -5.44 -31.08 -26.55
CA PRO A 222 -4.07 -30.54 -26.46
C PRO A 222 -3.95 -29.46 -25.38
N LYS A 223 -2.88 -29.53 -24.61
CA LYS A 223 -2.62 -28.58 -23.53
C LYS A 223 -1.88 -27.32 -23.98
N PRO A 224 -2.39 -26.14 -23.60
CA PRO A 224 -1.80 -24.86 -23.96
C PRO A 224 -0.39 -24.61 -23.43
N VAL A 225 0.59 -25.03 -24.21
CA VAL A 225 1.99 -24.87 -23.90
C VAL A 225 2.46 -23.44 -24.20
N THR A 226 1.67 -22.72 -25.00
CA THR A 226 1.98 -21.35 -25.42
C THR A 226 2.50 -20.41 -24.34
N GLN A 227 3.42 -19.55 -24.78
CA GLN A 227 4.05 -18.59 -23.91
C GLN A 227 3.98 -17.19 -24.51
N ASN A 228 4.85 -16.92 -25.47
CA ASN A 228 4.94 -15.60 -26.07
C ASN A 228 4.42 -15.41 -27.51
N ILE A 229 3.33 -14.66 -27.68
CA ILE A 229 2.80 -14.41 -29.03
C ILE A 229 3.17 -13.00 -29.50
N SER A 230 3.09 -12.77 -30.80
CA SER A 230 3.44 -11.48 -31.35
C SER A 230 2.87 -11.29 -32.75
N ALA A 231 2.60 -10.03 -33.08
CA ALA A 231 2.08 -9.64 -34.38
C ALA A 231 3.12 -8.65 -34.89
N GLU A 232 3.60 -8.85 -36.11
CA GLU A 232 4.61 -7.97 -36.65
C GLU A 232 4.17 -7.39 -37.98
N ALA A 233 4.84 -6.33 -38.39
CA ALA A 233 4.57 -5.64 -39.64
C ALA A 233 5.77 -4.75 -39.90
N TRP A 234 5.86 -4.16 -41.09
CA TRP A 234 6.97 -3.27 -41.43
C TRP A 234 6.41 -1.93 -41.86
N GLY A 235 7.30 -1.06 -42.33
CA GLY A 235 6.88 0.25 -42.79
C GLY A 235 6.22 0.24 -44.15
N ARG A 236 5.20 1.09 -44.30
CA ARG A 236 4.45 1.20 -45.55
C ARG A 236 4.94 2.45 -46.28
N ALA A 237 5.54 2.25 -47.45
CA ALA A 237 6.09 3.32 -48.29
C ALA A 237 5.44 4.71 -48.17
N ASP A 238 6.27 5.74 -48.23
CA ASP A 238 5.81 7.13 -48.13
C ASP A 238 5.54 7.70 -49.52
N GLU B 1 -1.60 -33.07 46.24
CA GLU B 1 -1.24 -32.71 47.65
C GLU B 1 -0.65 -31.31 47.71
N SER B 2 -1.00 -30.49 46.72
CA SER B 2 -0.49 -29.12 46.65
C SER B 2 -1.48 -28.18 45.97
N GLN B 3 -1.56 -28.24 44.64
CA GLN B 3 -2.49 -27.38 43.91
C GLN B 3 -3.85 -28.02 43.74
N PRO B 4 -4.91 -27.33 44.21
CA PRO B 4 -6.29 -27.82 44.12
C PRO B 4 -6.70 -27.96 42.67
N ASP B 5 -7.50 -28.97 42.37
CA ASP B 5 -7.95 -29.13 41.00
C ASP B 5 -8.72 -27.88 40.59
N PRO B 6 -8.65 -27.50 39.30
CA PRO B 6 -9.32 -26.33 38.75
C PRO B 6 -10.84 -26.30 38.82
N MET B 7 -11.38 -25.19 39.31
CA MET B 7 -12.83 -25.02 39.36
C MET B 7 -13.21 -24.74 37.90
N PRO B 8 -14.35 -25.30 37.42
CA PRO B 8 -14.80 -25.10 36.04
C PRO B 8 -14.69 -23.68 35.51
N ASP B 9 -14.91 -22.68 36.35
CA ASP B 9 -14.80 -21.30 35.88
C ASP B 9 -13.45 -20.67 36.22
N ASP B 10 -12.44 -21.52 36.42
CA ASP B 10 -11.08 -21.06 36.73
C ASP B 10 -10.26 -21.34 35.48
N LEU B 11 -10.79 -22.24 34.67
CA LEU B 11 -10.15 -22.68 33.44
C LEU B 11 -10.54 -21.74 32.29
N HIS B 12 -9.73 -21.74 31.24
CA HIS B 12 -9.95 -20.89 30.07
C HIS B 12 -10.86 -21.56 29.06
N LYS B 13 -11.62 -20.75 28.34
CA LYS B 13 -12.51 -21.24 27.31
C LYS B 13 -11.95 -20.73 26.00
N SER B 14 -11.77 -21.65 25.05
CA SER B 14 -11.24 -21.31 23.73
C SER B 14 -12.18 -20.39 22.96
N SER B 15 -13.49 -20.55 23.20
CA SER B 15 -14.48 -19.72 22.54
C SER B 15 -14.48 -18.31 23.12
N GLU B 16 -13.59 -18.04 24.06
CA GLU B 16 -13.49 -16.72 24.63
C GLU B 16 -12.19 -16.07 24.13
N PHE B 17 -11.55 -16.78 23.20
CA PHE B 17 -10.32 -16.36 22.58
C PHE B 17 -10.69 -16.18 21.12
N THR B 18 -10.73 -14.92 20.68
CA THR B 18 -11.07 -14.58 19.31
C THR B 18 -9.86 -14.35 18.40
N GLY B 19 -8.77 -15.05 18.67
CA GLY B 19 -7.58 -14.89 17.85
C GLY B 19 -7.25 -16.12 17.01
N THR B 20 -6.03 -16.12 16.46
CA THR B 20 -5.52 -17.21 15.63
C THR B 20 -4.95 -18.28 16.57
N MET B 21 -5.76 -19.27 16.93
CA MET B 21 -5.33 -20.36 17.82
C MET B 21 -4.04 -21.04 17.37
N GLY B 22 -3.82 -21.05 16.05
CA GLY B 22 -2.64 -21.66 15.48
C GLY B 22 -1.34 -21.12 16.01
N ASN B 23 -1.41 -20.10 16.88
CA ASN B 23 -0.22 -19.51 17.49
C ASN B 23 0.10 -20.29 18.75
N MET B 24 -0.92 -20.99 19.24
CA MET B 24 -0.81 -21.84 20.41
C MET B 24 -0.25 -23.18 19.93
N LYS B 25 -0.78 -23.64 18.79
CA LYS B 25 -0.38 -24.89 18.19
C LYS B 25 1.09 -24.88 17.80
N TYR B 26 1.59 -23.73 17.36
CA TYR B 26 3.00 -23.60 16.97
C TYR B 26 3.93 -24.09 18.07
N LEU B 27 3.51 -23.82 19.30
CA LEU B 27 4.31 -24.19 20.45
C LEU B 27 4.45 -25.69 20.62
N TYR B 28 3.37 -26.39 20.41
CA TYR B 28 3.40 -27.81 20.64
C TYR B 28 3.66 -28.79 19.50
N ASP B 29 2.99 -28.60 18.36
CA ASP B 29 3.18 -29.48 17.19
C ASP B 29 4.66 -29.51 16.81
N ASP B 30 5.26 -30.70 16.91
CA ASP B 30 6.68 -30.96 16.63
C ASP B 30 7.62 -29.76 16.78
N HIS B 31 7.45 -29.04 17.87
CA HIS B 31 8.24 -27.84 18.11
C HIS B 31 8.85 -27.79 19.49
N TYR B 32 10.18 -27.79 19.52
CA TYR B 32 10.92 -27.74 20.76
C TYR B 32 12.37 -27.47 20.52
N VAL B 33 13.11 -27.34 21.61
CA VAL B 33 14.56 -27.12 21.61
C VAL B 33 15.06 -28.33 22.36
N SER B 34 16.10 -28.98 21.86
CA SER B 34 16.63 -30.14 22.54
C SER B 34 18.14 -30.05 22.67
N ALA B 35 18.64 -30.33 23.88
CA ALA B 35 20.06 -30.28 24.16
C ALA B 35 20.45 -31.38 25.13
N THR B 36 21.69 -31.83 25.00
CA THR B 36 22.25 -32.87 25.85
C THR B 36 23.70 -32.47 26.07
N LYS B 37 24.08 -32.39 27.34
CA LYS B 37 25.45 -32.05 27.74
C LYS B 37 25.86 -30.69 27.18
N VAL B 38 25.14 -29.66 27.59
CA VAL B 38 25.43 -28.31 27.14
C VAL B 38 25.71 -27.45 28.35
N LYS B 39 26.71 -26.58 28.25
CA LYS B 39 27.08 -25.69 29.35
C LYS B 39 26.64 -24.26 29.04
N SER B 40 26.19 -23.54 30.07
CA SER B 40 25.77 -22.17 29.89
C SER B 40 26.99 -21.41 29.34
N VAL B 41 26.75 -20.42 28.47
CA VAL B 41 27.86 -19.66 27.87
C VAL B 41 27.77 -18.15 28.06
N ASP B 42 26.61 -17.65 28.49
CA ASP B 42 26.42 -16.22 28.70
C ASP B 42 25.19 -15.99 29.58
N LYS B 43 24.91 -14.71 29.84
CA LYS B 43 23.78 -14.30 30.65
C LYS B 43 23.40 -12.90 30.21
N PHE B 44 22.09 -12.66 30.02
CA PHE B 44 21.60 -11.33 29.65
C PHE B 44 21.23 -10.64 30.96
N LEU B 45 20.18 -11.14 31.58
CA LEU B 45 19.74 -10.61 32.84
C LEU B 45 19.85 -11.76 33.83
N ALA B 46 20.30 -11.45 35.05
CA ALA B 46 20.49 -12.45 36.10
C ALA B 46 19.76 -13.80 35.96
N HIS B 47 18.43 -13.78 36.09
CA HIS B 47 17.63 -14.99 36.02
C HIS B 47 17.61 -15.75 34.69
N ASP B 48 18.52 -15.44 33.77
CA ASP B 48 18.52 -16.13 32.49
C ASP B 48 19.90 -16.52 31.97
N LEU B 49 19.99 -17.75 31.49
CA LEU B 49 21.22 -18.31 30.96
C LEU B 49 21.11 -18.44 29.44
N ILE B 50 22.23 -18.32 28.74
CA ILE B 50 22.25 -18.42 27.29
C ILE B 50 23.12 -19.61 26.91
N TYR B 51 22.60 -20.46 26.02
CA TYR B 51 23.31 -21.66 25.61
C TYR B 51 23.58 -21.72 24.12
N ASN B 52 24.71 -22.33 23.75
CA ASN B 52 25.09 -22.51 22.35
C ASN B 52 24.40 -23.77 21.89
N ILE B 53 23.26 -23.60 21.24
CA ILE B 53 22.48 -24.73 20.75
C ILE B 53 21.96 -24.31 19.38
N ASN B 54 22.37 -25.04 18.33
CA ASN B 54 21.92 -24.72 16.99
C ASN B 54 20.58 -25.36 16.64
N ASP B 55 19.87 -24.75 15.69
CA ASP B 55 18.58 -25.26 15.25
C ASP B 55 18.73 -26.42 14.27
N LYS B 56 18.96 -27.61 14.82
CA LYS B 56 19.12 -28.82 14.03
C LYS B 56 17.98 -29.03 13.04
N LYS B 57 16.76 -28.68 13.47
CA LYS B 57 15.55 -28.85 12.66
C LYS B 57 15.42 -27.98 11.41
N LEU B 58 15.79 -26.70 11.52
CA LEU B 58 15.62 -25.76 10.42
C LEU B 58 16.58 -24.57 10.50
N ASN B 59 17.82 -24.81 10.91
CA ASN B 59 18.86 -23.77 11.02
C ASN B 59 18.34 -22.34 11.18
N ASN B 60 17.47 -22.13 12.17
CA ASN B 60 16.88 -20.82 12.49
C ASN B 60 17.69 -20.09 13.53
N TYR B 61 18.33 -20.82 14.45
CA TYR B 61 19.14 -20.23 15.50
C TYR B 61 20.38 -21.06 15.80
N ASP B 62 21.23 -20.51 16.66
CA ASP B 62 22.45 -21.19 17.11
C ASP B 62 22.68 -20.82 18.57
N LYS B 63 21.69 -20.15 19.15
CA LYS B 63 21.72 -19.70 20.54
C LYS B 63 20.33 -19.86 21.14
N VAL B 64 20.25 -20.18 22.42
CA VAL B 64 18.99 -20.35 23.11
C VAL B 64 19.04 -19.69 24.51
N LYS B 65 18.01 -18.91 24.85
CA LYS B 65 17.94 -18.26 26.14
C LYS B 65 16.76 -18.76 26.95
N THR B 66 17.07 -19.45 28.05
CA THR B 66 16.05 -19.96 28.96
C THR B 66 16.06 -19.11 30.22
N GLU B 67 14.89 -18.61 30.58
CA GLU B 67 14.75 -17.79 31.77
C GLU B 67 14.13 -18.61 32.87
N LEU B 68 14.67 -18.42 34.08
CA LEU B 68 14.24 -19.12 35.27
C LEU B 68 13.67 -18.09 36.24
N LEU B 69 12.78 -18.56 37.10
CA LEU B 69 12.09 -17.73 38.09
C LEU B 69 12.95 -16.80 38.96
N ASN B 70 14.19 -17.19 39.21
CA ASN B 70 15.07 -16.35 40.03
C ASN B 70 16.55 -16.59 39.73
N GLU B 71 17.37 -15.57 40.04
CA GLU B 71 18.82 -15.67 39.81
C GLU B 71 19.41 -16.83 40.57
N ASP B 72 18.77 -17.19 41.68
CA ASP B 72 19.24 -18.30 42.49
C ASP B 72 19.29 -19.54 41.58
N LEU B 73 18.23 -19.73 40.80
CA LEU B 73 18.11 -20.85 39.89
C LEU B 73 19.07 -20.72 38.70
N ALA B 74 19.30 -19.49 38.25
CA ALA B 74 20.21 -19.24 37.13
C ALA B 74 21.62 -19.59 37.59
N ASN B 75 22.03 -18.92 38.67
CA ASN B 75 23.33 -19.12 39.29
C ASN B 75 23.59 -20.57 39.58
N LYS B 76 22.52 -21.33 39.82
CA LYS B 76 22.63 -22.74 40.10
C LYS B 76 23.25 -23.51 38.92
N TYR B 77 22.61 -23.44 37.75
CA TYR B 77 23.10 -24.16 36.58
C TYR B 77 24.19 -23.46 35.79
N LYS B 78 24.51 -22.22 36.17
CA LYS B 78 25.52 -21.43 35.47
C LYS B 78 26.70 -22.26 34.95
N ASP B 79 27.32 -23.04 35.82
CA ASP B 79 28.46 -23.87 35.42
C ASP B 79 28.14 -25.36 35.51
N GLU B 80 26.88 -25.73 35.26
CA GLU B 80 26.48 -27.12 35.35
C GLU B 80 26.16 -27.73 34.00
N VAL B 81 26.83 -28.83 33.67
CA VAL B 81 26.57 -29.52 32.42
C VAL B 81 25.16 -30.07 32.51
N VAL B 82 24.30 -29.63 31.59
CA VAL B 82 22.91 -30.03 31.65
C VAL B 82 22.30 -30.48 30.33
N ASP B 83 20.99 -30.71 30.38
CA ASP B 83 20.18 -31.13 29.25
C ASP B 83 19.14 -30.01 29.11
N VAL B 84 18.70 -29.75 27.89
CA VAL B 84 17.73 -28.68 27.64
C VAL B 84 16.56 -29.14 26.80
N TYR B 85 15.34 -28.88 27.27
CA TYR B 85 14.17 -29.25 26.51
C TYR B 85 12.97 -28.39 26.83
N GLY B 86 12.34 -27.89 25.77
CA GLY B 86 11.17 -27.04 25.93
C GLY B 86 10.88 -26.29 24.67
N SER B 87 9.63 -25.83 24.57
CA SER B 87 9.14 -25.09 23.42
C SER B 87 9.72 -23.67 23.47
N ASN B 88 10.35 -23.28 22.36
CA ASN B 88 10.97 -21.97 22.23
C ASN B 88 10.12 -21.02 21.40
N TYR B 89 10.31 -19.72 21.62
CA TYR B 89 9.54 -18.72 20.91
C TYR B 89 10.45 -17.67 20.26
N TYR B 90 9.84 -16.76 19.50
CA TYR B 90 10.57 -15.70 18.78
C TYR B 90 10.08 -14.26 19.01
N VAL B 91 8.79 -14.00 18.83
CA VAL B 91 8.26 -12.66 19.04
C VAL B 91 8.47 -12.28 20.51
N ASN B 92 9.27 -11.26 20.72
CA ASN B 92 9.63 -10.75 22.05
C ASN B 92 10.80 -11.50 22.65
N CYS B 93 11.72 -11.94 21.81
CA CYS B 93 12.91 -12.64 22.26
C CYS B 93 14.14 -11.70 22.25
N TYR B 94 14.38 -10.99 23.35
CA TYR B 94 15.51 -10.04 23.41
C TYR B 94 16.72 -10.53 24.22
N PHE B 95 17.91 -10.38 23.66
CA PHE B 95 19.12 -10.78 24.38
C PHE B 95 19.86 -9.53 24.83
N SER B 96 19.75 -8.46 24.06
CA SER B 96 20.45 -7.23 24.40
C SER B 96 19.48 -6.10 24.72
N SER B 97 19.96 -5.14 25.50
CA SER B 97 19.18 -3.97 25.89
C SER B 97 18.70 -3.20 24.66
N LYS B 98 19.59 -3.08 23.68
CA LYS B 98 19.28 -2.37 22.44
C LYS B 98 18.49 -3.22 21.44
N ASP B 99 17.36 -3.75 21.90
CA ASP B 99 16.48 -4.57 21.06
C ASP B 99 15.06 -4.11 21.35
N ASN B 100 14.43 -3.49 20.37
CA ASN B 100 13.07 -2.98 20.52
C ASN B 100 12.02 -4.09 20.43
N VAL B 101 10.78 -3.75 20.75
CA VAL B 101 9.66 -4.69 20.71
C VAL B 101 9.63 -5.41 19.37
N GLY B 102 9.60 -6.74 19.43
CA GLY B 102 9.60 -7.54 18.22
C GLY B 102 11.04 -7.91 17.93
N LYS B 103 11.41 -9.13 18.29
CA LYS B 103 12.77 -9.65 18.09
C LYS B 103 13.24 -9.42 16.65
N VAL B 104 14.00 -8.33 16.47
CA VAL B 104 14.52 -7.96 15.16
C VAL B 104 15.66 -8.83 14.65
N THR B 105 16.44 -9.38 15.58
CA THR B 105 17.58 -10.22 15.24
C THR B 105 17.16 -11.61 14.76
N SER B 106 18.15 -12.42 14.39
CA SER B 106 17.92 -13.78 13.94
C SER B 106 19.12 -14.61 14.41
N GLY B 107 18.94 -15.93 14.49
CA GLY B 107 20.03 -16.78 14.94
C GLY B 107 19.97 -17.07 16.42
N LYS B 108 18.89 -16.63 17.07
CA LYS B 108 18.70 -16.85 18.50
C LYS B 108 17.23 -17.04 18.82
N THR B 109 16.93 -17.79 19.88
CA THR B 109 15.55 -18.05 20.30
C THR B 109 15.41 -17.85 21.81
N CYS B 110 14.23 -18.08 22.36
CA CYS B 110 14.00 -17.91 23.79
C CYS B 110 13.19 -19.08 24.35
N MET B 111 13.12 -19.16 25.67
CA MET B 111 12.35 -20.21 26.34
C MET B 111 12.47 -20.04 27.84
N TYR B 112 11.79 -20.90 28.58
CA TYR B 112 11.81 -20.85 30.03
C TYR B 112 12.03 -22.23 30.58
N GLY B 113 12.82 -22.31 31.65
CA GLY B 113 13.11 -23.57 32.31
C GLY B 113 13.69 -24.67 31.44
N GLY B 114 13.14 -25.87 31.57
CA GLY B 114 13.60 -26.99 30.76
C GLY B 114 15.00 -27.55 31.00
N ILE B 115 15.66 -27.10 32.07
CA ILE B 115 17.01 -27.55 32.41
C ILE B 115 16.93 -28.67 33.45
N THR B 116 17.81 -29.65 33.32
CA THR B 116 17.93 -30.76 34.27
C THR B 116 19.39 -31.15 34.22
N LYS B 117 19.98 -31.50 35.36
CA LYS B 117 21.37 -31.90 35.36
C LYS B 117 21.57 -33.12 34.46
N HIS B 118 22.75 -33.22 33.84
CA HIS B 118 23.00 -34.36 32.98
C HIS B 118 23.58 -35.55 33.71
N GLU B 119 24.39 -35.27 34.73
CA GLU B 119 25.06 -36.29 35.53
C GLU B 119 24.13 -37.36 36.12
N GLY B 120 24.32 -38.59 35.65
CA GLY B 120 23.54 -39.72 36.12
C GLY B 120 22.03 -39.61 35.98
N ASN B 121 21.56 -38.58 35.31
CA ASN B 121 20.13 -38.36 35.10
C ASN B 121 19.60 -39.25 33.97
N HIS B 122 20.51 -39.79 33.17
CA HIS B 122 20.10 -40.65 32.07
C HIS B 122 20.21 -42.11 32.50
N PHE B 123 19.24 -42.90 32.06
CA PHE B 123 19.16 -44.31 32.41
C PHE B 123 20.41 -45.18 32.31
N ASP B 124 20.63 -45.94 33.37
CA ASP B 124 21.76 -46.85 33.52
C ASP B 124 22.15 -47.68 32.30
N ASN B 125 21.16 -48.20 31.58
CA ASN B 125 21.43 -49.01 30.39
C ASN B 125 20.91 -48.38 29.10
N GLY B 126 20.76 -47.06 29.11
CA GLY B 126 20.28 -46.35 27.94
C GLY B 126 18.85 -46.68 27.56
N ASN B 127 17.96 -46.71 28.55
CA ASN B 127 16.55 -47.02 28.33
C ASN B 127 15.78 -45.70 28.27
N LEU B 128 14.49 -45.81 27.93
CA LEU B 128 13.64 -44.64 27.86
C LEU B 128 12.47 -44.85 28.80
N GLN B 129 12.40 -44.03 29.84
CA GLN B 129 11.31 -44.15 30.77
C GLN B 129 10.02 -43.81 30.05
N ASN B 130 9.05 -44.71 30.13
CA ASN B 130 7.78 -44.43 29.49
C ASN B 130 6.85 -43.79 30.51
N VAL B 131 6.09 -42.78 30.08
CA VAL B 131 5.18 -42.12 31.00
C VAL B 131 3.78 -42.25 30.45
N LEU B 132 2.91 -42.88 31.22
CA LEU B 132 1.53 -43.05 30.79
C LEU B 132 0.79 -41.72 30.92
N ILE B 133 -0.09 -41.44 29.96
CA ILE B 133 -0.88 -40.23 29.92
C ILE B 133 -2.33 -40.65 29.68
N ARG B 134 -3.21 -40.42 30.67
CA ARG B 134 -4.61 -40.78 30.53
C ARG B 134 -5.42 -39.56 30.10
N VAL B 135 -6.27 -39.74 29.10
CA VAL B 135 -7.10 -38.67 28.56
C VAL B 135 -8.58 -38.77 28.96
N TYR B 136 -9.13 -37.67 29.44
CA TYR B 136 -10.52 -37.60 29.85
C TYR B 136 -11.21 -36.52 29.01
N GLU B 137 -12.07 -36.93 28.09
CA GLU B 137 -12.79 -35.97 27.27
C GLU B 137 -14.21 -35.87 27.81
N ASN B 138 -14.54 -34.80 28.53
CA ASN B 138 -15.87 -34.61 29.11
C ASN B 138 -16.15 -35.61 30.24
N LYS B 139 -15.23 -35.67 31.21
CA LYS B 139 -15.37 -36.57 32.36
C LYS B 139 -15.54 -38.03 32.00
N ARG B 140 -14.85 -38.47 30.95
CA ARG B 140 -14.88 -39.85 30.49
C ARG B 140 -13.50 -40.20 29.94
N ASN B 141 -12.86 -41.23 30.49
CA ASN B 141 -11.54 -41.63 29.99
C ASN B 141 -11.75 -42.17 28.60
N THR B 142 -11.26 -41.45 27.60
CA THR B 142 -11.45 -41.85 26.23
C THR B 142 -10.25 -42.57 25.66
N ILE B 143 -9.07 -42.04 25.89
CA ILE B 143 -7.83 -42.64 25.40
C ILE B 143 -6.71 -42.44 26.41
N SER B 144 -5.65 -43.23 26.27
CA SER B 144 -4.49 -43.15 27.13
C SER B 144 -3.29 -43.40 26.22
N PHE B 145 -2.11 -42.98 26.66
CA PHE B 145 -0.87 -43.18 25.89
C PHE B 145 0.38 -42.97 26.74
N GLU B 146 1.51 -43.41 26.23
CA GLU B 146 2.75 -43.26 26.95
C GLU B 146 3.62 -42.32 26.15
N VAL B 147 4.58 -41.68 26.82
CA VAL B 147 5.50 -40.78 26.15
C VAL B 147 6.90 -41.13 26.66
N GLN B 148 7.75 -41.57 25.75
CA GLN B 148 9.12 -41.97 26.10
C GLN B 148 10.00 -40.80 26.51
N THR B 149 11.15 -41.10 27.12
CA THR B 149 12.11 -40.09 27.57
C THR B 149 13.36 -40.73 28.22
N ASP B 150 14.52 -40.26 27.81
CA ASP B 150 15.82 -40.77 28.28
C ASP B 150 16.30 -40.23 29.63
N LYS B 151 15.37 -39.73 30.44
CA LYS B 151 15.75 -39.16 31.74
C LYS B 151 14.99 -39.69 32.93
N LYS B 152 15.68 -39.74 34.08
CA LYS B 152 15.05 -40.19 35.32
C LYS B 152 14.30 -38.97 35.84
N SER B 153 14.94 -37.81 35.72
CA SER B 153 14.37 -36.55 36.18
C SER B 153 14.15 -35.69 34.95
N VAL B 154 12.89 -35.59 34.58
CA VAL B 154 12.51 -34.79 33.44
C VAL B 154 11.85 -33.55 34.03
N THR B 155 11.32 -32.71 33.15
CA THR B 155 10.62 -31.50 33.53
C THR B 155 9.15 -31.74 33.15
N ALA B 156 8.21 -31.18 33.91
CA ALA B 156 6.78 -31.34 33.57
C ALA B 156 6.58 -30.75 32.17
N GLN B 157 7.31 -29.68 31.90
CA GLN B 157 7.29 -29.01 30.60
C GLN B 157 7.48 -30.06 29.50
N GLU B 158 8.65 -30.68 29.49
CA GLU B 158 8.99 -31.71 28.52
C GLU B 158 7.85 -32.68 28.30
N LEU B 159 7.27 -33.18 29.39
CA LEU B 159 6.17 -34.13 29.29
C LEU B 159 4.91 -33.49 28.70
N ASP B 160 4.63 -32.25 29.13
CA ASP B 160 3.46 -31.47 28.70
C ASP B 160 3.55 -31.19 27.21
N ILE B 161 4.74 -30.79 26.75
CA ILE B 161 4.96 -30.54 25.34
C ILE B 161 4.66 -31.86 24.63
N LYS B 162 5.40 -32.90 25.02
CA LYS B 162 5.28 -34.22 24.43
C LYS B 162 3.88 -34.76 24.53
N ALA B 163 3.21 -34.40 25.62
CA ALA B 163 1.85 -34.80 25.86
C ALA B 163 0.95 -34.17 24.81
N ARG B 164 1.06 -32.84 24.68
CA ARG B 164 0.25 -32.04 23.76
C ARG B 164 0.51 -32.32 22.29
N ASN B 165 1.78 -32.43 21.92
CA ASN B 165 2.16 -32.72 20.55
C ASN B 165 1.33 -33.92 20.07
N PHE B 166 1.38 -35.01 20.82
CA PHE B 166 0.62 -36.23 20.56
C PHE B 166 -0.86 -35.92 20.27
N LEU B 167 -1.48 -35.12 21.12
CA LEU B 167 -2.89 -34.72 20.98
C LEU B 167 -3.23 -33.83 19.76
N ILE B 168 -2.28 -32.99 19.36
CA ILE B 168 -2.47 -32.12 18.23
C ILE B 168 -2.81 -32.98 17.01
N ASN B 169 -2.08 -34.07 16.89
CA ASN B 169 -2.24 -35.01 15.80
C ASN B 169 -3.41 -35.95 15.94
N LYS B 170 -3.58 -36.54 17.12
CA LYS B 170 -4.69 -37.47 17.35
C LYS B 170 -6.07 -36.86 17.62
N LYS B 171 -6.11 -35.81 18.44
CA LYS B 171 -7.38 -35.17 18.79
C LYS B 171 -7.58 -33.76 18.25
N ASN B 172 -6.60 -33.27 17.50
CA ASN B 172 -6.67 -31.93 16.93
C ASN B 172 -6.92 -30.93 18.05
N LEU B 173 -6.17 -31.13 19.13
CA LEU B 173 -6.25 -30.31 20.33
C LEU B 173 -6.29 -28.82 19.98
N TYR B 174 -5.45 -28.42 19.02
CA TYR B 174 -5.41 -27.03 18.56
C TYR B 174 -5.48 -27.06 17.04
N GLU B 175 -6.49 -26.43 16.48
CA GLU B 175 -6.61 -26.36 15.05
C GLU B 175 -5.85 -25.07 14.72
N PHE B 176 -5.80 -24.69 13.45
CA PHE B 176 -5.10 -23.47 13.06
C PHE B 176 -5.82 -22.18 13.52
N ASN B 177 -7.15 -22.23 13.54
CA ASN B 177 -7.93 -21.05 13.94
C ASN B 177 -8.72 -21.28 15.21
N SER B 178 -8.95 -22.56 15.54
CA SER B 178 -9.74 -22.90 16.72
C SER B 178 -9.28 -24.20 17.38
N SER B 179 -10.22 -24.91 18.00
CA SER B 179 -9.96 -26.18 18.67
C SER B 179 -11.30 -26.85 18.91
N PRO B 180 -11.35 -28.19 18.89
CA PRO B 180 -12.64 -28.83 19.12
C PRO B 180 -13.01 -28.76 20.61
N TYR B 181 -12.02 -28.58 21.47
CA TYR B 181 -12.27 -28.53 22.90
C TYR B 181 -12.44 -27.13 23.44
N GLU B 182 -13.26 -27.02 24.50
CA GLU B 182 -13.50 -25.73 25.13
C GLU B 182 -12.48 -25.46 26.22
N THR B 183 -12.12 -26.51 26.96
CA THR B 183 -11.15 -26.38 28.04
C THR B 183 -10.19 -27.58 28.02
N GLY B 184 -9.09 -27.46 28.75
CA GLY B 184 -8.12 -28.55 28.81
C GLY B 184 -6.97 -28.28 29.77
N TYR B 185 -6.93 -29.02 30.88
CA TYR B 185 -5.84 -28.86 31.84
C TYR B 185 -5.12 -30.19 31.99
N ILE B 186 -3.79 -30.12 32.02
CA ILE B 186 -2.99 -31.31 32.14
C ILE B 186 -2.57 -31.42 33.59
N LYS B 187 -3.19 -32.35 34.31
CA LYS B 187 -2.87 -32.57 35.71
C LYS B 187 -1.66 -33.46 35.91
N PHE B 188 -0.71 -32.95 36.68
CA PHE B 188 0.49 -33.68 37.02
C PHE B 188 0.32 -34.19 38.44
N ILE B 189 0.69 -35.45 38.65
CA ILE B 189 0.58 -36.11 39.95
C ILE B 189 1.84 -36.95 40.14
N GLU B 190 2.61 -36.62 41.17
CA GLU B 190 3.84 -37.34 41.43
C GLU B 190 3.61 -38.50 42.41
N SER B 191 4.71 -39.12 42.84
CA SER B 191 4.66 -40.23 43.78
C SER B 191 4.14 -39.84 45.16
N ASN B 192 4.52 -38.67 45.64
CA ASN B 192 4.10 -38.19 46.95
C ASN B 192 2.73 -37.51 46.98
N GLY B 193 1.91 -37.75 45.95
CA GLY B 193 0.58 -37.15 45.92
C GLY B 193 0.54 -35.69 45.51
N ASN B 194 1.71 -35.05 45.42
CA ASN B 194 1.81 -33.65 45.02
C ASN B 194 1.15 -33.52 43.64
N THR B 195 0.28 -32.52 43.51
CA THR B 195 -0.44 -32.29 42.26
C THR B 195 -0.31 -30.86 41.73
N PHE B 196 -0.05 -30.75 40.44
CA PHE B 196 0.09 -29.46 39.78
C PHE B 196 -0.39 -29.60 38.33
N TRP B 197 -1.36 -28.79 37.95
CA TRP B 197 -1.91 -28.82 36.59
C TRP B 197 -1.59 -27.54 35.84
N TYR B 198 -1.78 -27.58 34.53
CA TYR B 198 -1.52 -26.46 33.65
C TYR B 198 -2.70 -26.32 32.69
N ASP B 199 -2.94 -25.09 32.19
CA ASP B 199 -4.05 -24.86 31.26
C ASP B 199 -3.64 -24.67 29.79
N MET B 200 -4.13 -25.59 28.98
CA MET B 200 -3.87 -25.64 27.55
C MET B 200 -4.56 -24.58 26.67
N MET B 201 -5.71 -24.07 27.11
CA MET B 201 -6.43 -23.06 26.35
C MET B 201 -5.89 -21.67 26.59
N PRO B 202 -5.88 -20.82 25.54
CA PRO B 202 -5.39 -19.44 25.62
C PRO B 202 -6.33 -18.54 26.41
N ALA B 203 -5.76 -17.69 27.26
CA ALA B 203 -6.58 -16.80 28.05
C ALA B 203 -7.51 -16.03 27.13
N PRO B 204 -8.80 -15.97 27.48
CA PRO B 204 -9.80 -15.27 26.70
C PRO B 204 -9.35 -13.85 26.34
N GLY B 205 -9.39 -13.54 25.04
CA GLY B 205 -8.97 -12.25 24.54
C GLY B 205 -8.86 -12.36 23.04
N ASP B 206 -8.23 -11.38 22.42
CA ASP B 206 -8.05 -11.40 20.96
C ASP B 206 -6.57 -11.50 20.63
N LYS B 207 -5.76 -11.90 21.62
CA LYS B 207 -4.33 -12.06 21.42
C LYS B 207 -3.77 -13.24 22.20
N PHE B 208 -2.61 -13.70 21.74
CA PHE B 208 -1.89 -14.81 22.37
C PHE B 208 -0.41 -14.39 22.44
N ASP B 209 0.02 -14.05 23.65
CA ASP B 209 1.39 -13.65 23.88
C ASP B 209 2.16 -14.90 24.22
N GLN B 210 2.73 -15.53 23.19
CA GLN B 210 3.51 -16.77 23.35
C GLN B 210 4.55 -16.69 24.47
N SER B 211 5.21 -15.56 24.59
CA SER B 211 6.22 -15.41 25.63
C SER B 211 5.60 -15.38 27.01
N LYS B 212 4.39 -14.87 27.09
CA LYS B 212 3.65 -14.76 28.35
C LYS B 212 3.15 -16.13 28.80
N TYR B 213 2.70 -16.94 27.84
CA TYR B 213 2.19 -18.26 28.15
C TYR B 213 3.30 -19.17 28.65
N LEU B 214 4.36 -19.27 27.85
CA LEU B 214 5.48 -20.14 28.18
C LEU B 214 6.14 -19.94 29.54
N MET B 215 5.78 -18.87 30.23
CA MET B 215 6.31 -18.64 31.56
C MET B 215 5.79 -19.71 32.55
N ILE B 216 4.75 -20.46 32.20
CA ILE B 216 4.24 -21.51 33.11
C ILE B 216 5.40 -22.46 33.41
N TYR B 217 6.47 -22.36 32.65
CA TYR B 217 7.63 -23.19 32.83
C TYR B 217 8.79 -22.40 33.40
N LYS B 218 8.54 -21.26 34.02
CA LYS B 218 9.63 -20.45 34.52
C LYS B 218 10.44 -21.06 35.66
N ASP B 219 9.74 -21.78 36.54
CA ASP B 219 10.31 -22.44 37.72
C ASP B 219 11.30 -23.57 37.49
N ASN B 220 11.15 -24.26 36.36
CA ASN B 220 12.01 -25.37 36.01
C ASN B 220 11.58 -26.61 36.84
N LYS B 221 10.28 -26.77 37.05
CA LYS B 221 9.77 -27.90 37.83
C LYS B 221 10.10 -29.23 37.17
N MET B 222 10.84 -30.07 37.90
CA MET B 222 11.26 -31.39 37.42
C MET B 222 10.50 -32.49 38.15
N VAL B 223 10.31 -33.62 37.47
CA VAL B 223 9.63 -34.76 38.07
C VAL B 223 10.28 -36.10 37.73
N ASP B 224 10.16 -37.04 38.68
CA ASP B 224 10.67 -38.40 38.56
C ASP B 224 9.76 -39.02 37.51
N SER B 225 10.32 -39.32 36.35
CA SER B 225 9.55 -39.89 35.26
C SER B 225 9.02 -41.30 35.51
N LYS B 226 9.82 -42.09 36.23
CA LYS B 226 9.51 -43.48 36.57
C LYS B 226 8.33 -43.74 37.51
N SER B 227 7.81 -42.69 38.14
CA SER B 227 6.70 -42.85 39.08
C SER B 227 5.56 -41.82 38.98
N VAL B 228 5.71 -40.85 38.08
CA VAL B 228 4.72 -39.78 37.89
C VAL B 228 3.52 -40.15 37.01
N LYS B 229 2.34 -39.69 37.43
CA LYS B 229 1.09 -39.92 36.72
C LYS B 229 0.62 -38.59 36.11
N ILE B 230 0.27 -38.61 34.81
CA ILE B 230 -0.18 -37.42 34.11
C ILE B 230 -1.60 -37.63 33.55
N GLU B 231 -2.53 -36.74 33.89
CA GLU B 231 -3.89 -36.87 33.40
C GLU B 231 -4.34 -35.68 32.57
N VAL B 232 -4.48 -35.87 31.27
CA VAL B 232 -4.92 -34.79 30.40
C VAL B 232 -6.43 -34.75 30.46
N HIS B 233 -6.97 -33.59 30.84
CA HIS B 233 -8.41 -33.43 30.94
C HIS B 233 -8.85 -32.44 29.89
N LEU B 234 -9.95 -32.77 29.22
CA LEU B 234 -10.51 -31.93 28.17
C LEU B 234 -12.03 -31.83 28.31
N THR B 235 -12.60 -30.85 27.62
CA THR B 235 -14.04 -30.65 27.65
C THR B 235 -14.42 -30.09 26.29
N THR B 236 -15.66 -30.36 25.90
CA THR B 236 -16.18 -29.88 24.63
C THR B 236 -17.42 -29.04 24.91
N LYS B 237 -17.59 -27.95 24.17
CA LYS B 237 -18.72 -27.05 24.34
C LYS B 237 -20.13 -27.62 24.47
N ASN B 238 -20.31 -28.90 24.14
CA ASN B 238 -21.63 -29.53 24.24
C ASN B 238 -21.56 -30.80 25.09
N GLY B 239 -20.88 -31.81 24.55
CA GLY B 239 -20.74 -33.07 25.24
C GLY B 239 -20.00 -34.06 24.38
N ALA C 1 12.70 11.13 -0.76
CA ALA C 1 11.69 11.23 0.35
C ALA C 1 10.32 11.52 -0.24
N VAL C 2 9.32 11.62 0.62
CA VAL C 2 7.96 11.95 0.21
C VAL C 2 7.38 12.46 1.51
N THR C 3 7.40 13.77 1.68
CA THR C 3 6.91 14.38 2.89
C THR C 3 5.39 14.58 2.82
N GLN C 4 4.79 14.97 3.93
CA GLN C 4 3.36 15.22 3.96
C GLN C 4 3.11 16.36 4.91
N SER C 5 2.00 17.05 4.71
CA SER C 5 1.68 18.18 5.52
C SER C 5 0.26 18.60 5.21
N PRO C 6 -0.54 18.87 6.26
CA PRO C 6 -0.15 18.79 7.65
C PRO C 6 -0.07 17.33 8.01
N ARG C 7 0.47 17.02 9.19
CA ARG C 7 0.58 15.63 9.61
C ARG C 7 -0.53 15.23 10.60
N ASN C 8 -1.39 16.19 10.91
CA ASN C 8 -2.52 16.01 11.83
C ASN C 8 -3.44 17.21 11.65
N LYS C 9 -4.74 16.96 11.55
CA LYS C 9 -5.64 18.09 11.35
C LYS C 9 -7.02 17.85 11.93
N VAL C 10 -7.51 18.85 12.67
CA VAL C 10 -8.85 18.80 13.23
C VAL C 10 -9.57 19.87 12.43
N ALA C 11 -10.53 19.48 11.61
CA ALA C 11 -11.23 20.46 10.81
C ALA C 11 -12.69 20.25 11.11
N VAL C 12 -13.51 21.27 10.89
CA VAL C 12 -14.94 21.16 11.15
C VAL C 12 -15.64 20.87 9.83
N THR C 13 -16.84 20.32 9.92
CA THR C 13 -17.63 20.02 8.73
C THR C 13 -17.87 21.32 7.97
N GLY C 14 -17.92 21.25 6.64
CA GLY C 14 -18.14 22.44 5.84
C GLY C 14 -16.88 23.20 5.51
N GLY C 15 -15.77 22.87 6.17
CA GLY C 15 -14.52 23.55 5.91
C GLY C 15 -13.73 22.95 4.76
N LYS C 16 -12.89 23.76 4.12
CA LYS C 16 -12.07 23.31 3.00
C LYS C 16 -10.71 22.97 3.59
N VAL C 17 -10.23 21.77 3.31
CA VAL C 17 -8.93 21.35 3.82
C VAL C 17 -8.01 21.07 2.64
N THR C 18 -6.72 21.20 2.87
CA THR C 18 -5.75 20.94 1.82
C THR C 18 -4.53 20.27 2.46
N LEU C 19 -4.15 19.11 1.90
CA LEU C 19 -3.01 18.35 2.38
C LEU C 19 -2.02 18.29 1.21
N SER C 20 -0.78 18.68 1.46
CA SER C 20 0.23 18.67 0.41
C SER C 20 1.12 17.44 0.54
N CYS C 21 1.87 17.14 -0.51
CA CYS C 21 2.79 16.01 -0.54
C CYS C 21 3.95 16.36 -1.46
N GLN C 22 5.17 16.30 -0.93
CA GLN C 22 6.36 16.63 -1.71
C GLN C 22 7.15 15.38 -2.01
N GLN C 23 7.80 15.33 -3.17
CA GLN C 23 8.61 14.16 -3.51
C GLN C 23 9.97 14.48 -4.11
N THR C 24 11.01 14.33 -3.30
CA THR C 24 12.38 14.59 -3.73
C THR C 24 13.04 13.47 -4.55
N ASN C 25 12.20 12.58 -5.12
CA ASN C 25 12.69 11.44 -5.90
C ASN C 25 12.58 11.65 -7.41
N ASN C 26 11.98 12.77 -7.81
CA ASN C 26 11.77 13.12 -9.22
C ASN C 26 10.89 12.09 -9.94
N HIS C 27 9.91 11.58 -9.23
CA HIS C 27 9.01 10.59 -9.81
C HIS C 27 7.97 11.29 -10.67
N ASN C 28 7.42 10.54 -11.61
CA ASN C 28 6.39 11.06 -12.49
C ASN C 28 5.07 11.03 -11.79
N ASN C 29 4.72 9.86 -11.28
CA ASN C 29 3.45 9.68 -10.60
C ASN C 29 3.42 10.07 -9.12
N MET C 30 2.22 10.35 -8.64
CA MET C 30 2.00 10.66 -7.26
C MET C 30 0.60 10.16 -7.04
N TYR C 31 0.29 9.71 -5.81
CA TYR C 31 -1.02 9.16 -5.50
C TYR C 31 -1.52 9.66 -4.18
N TRP C 32 -2.83 9.83 -4.08
CA TRP C 32 -3.45 10.29 -2.86
C TRP C 32 -4.44 9.26 -2.39
N TYR C 33 -3.99 8.48 -1.40
CA TYR C 33 -4.76 7.39 -0.80
C TYR C 33 -5.33 7.77 0.57
N ARG C 34 -6.27 6.96 1.05
CA ARG C 34 -6.86 7.17 2.37
C ARG C 34 -7.11 5.78 2.96
N GLN C 35 -6.42 5.50 4.07
CA GLN C 35 -6.54 4.23 4.77
C GLN C 35 -7.68 4.36 5.77
N ASP C 36 -8.61 3.43 5.78
CA ASP C 36 -9.70 3.53 6.75
C ASP C 36 -9.85 2.29 7.60
N THR C 37 -9.97 2.49 8.91
CA THR C 37 -10.13 1.37 9.83
C THR C 37 -11.30 0.51 9.36
N GLY C 38 -11.01 -0.74 9.08
CA GLY C 38 -12.04 -1.64 8.62
C GLY C 38 -11.94 -1.89 7.13
N HIS C 39 -11.58 -0.84 6.40
CA HIS C 39 -11.42 -0.91 4.95
C HIS C 39 -9.93 -0.91 4.71
N GLY C 40 -9.51 -0.83 3.46
CA GLY C 40 -8.08 -0.85 3.20
C GLY C 40 -7.52 0.49 2.78
N LEU C 41 -6.38 0.43 2.08
CA LEU C 41 -5.70 1.62 1.55
C LEU C 41 -6.42 1.81 0.23
N ARG C 42 -7.12 2.93 0.07
CA ARG C 42 -7.85 3.22 -1.17
C ARG C 42 -7.33 4.42 -1.89
N LEU C 43 -7.33 4.33 -3.24
CA LEU C 43 -6.84 5.37 -4.13
C LEU C 43 -7.93 6.35 -4.50
N ILE C 44 -7.67 7.61 -4.19
CA ILE C 44 -8.61 8.68 -4.45
C ILE C 44 -8.39 9.34 -5.81
N HIS C 45 -7.17 9.84 -6.05
CA HIS C 45 -6.73 10.51 -7.29
C HIS C 45 -5.22 10.27 -7.47
N TYR C 46 -4.74 10.29 -8.71
CA TYR C 46 -3.30 10.12 -8.98
C TYR C 46 -2.92 10.95 -10.21
N SER C 47 -1.64 11.06 -10.51
CA SER C 47 -1.25 11.87 -11.65
C SER C 47 0.03 11.39 -12.29
N TYR C 48 0.03 11.32 -13.62
CA TYR C 48 1.18 10.84 -14.39
C TYR C 48 2.24 11.88 -14.74
N GLY C 49 1.97 13.12 -14.36
CA GLY C 49 2.89 14.23 -14.64
C GLY C 49 2.24 15.57 -14.33
N ALA C 50 3.08 16.57 -14.10
CA ALA C 50 2.61 17.92 -13.80
C ALA C 50 1.52 18.38 -14.76
N GLY C 51 0.38 18.76 -14.20
CA GLY C 51 -0.72 19.23 -15.00
C GLY C 51 -1.70 18.18 -15.46
N SER C 52 -1.84 17.13 -14.67
CA SER C 52 -2.74 16.03 -14.97
C SER C 52 -3.15 15.37 -13.68
N THR C 53 -4.44 15.07 -13.50
CA THR C 53 -4.88 14.37 -12.29
C THR C 53 -6.11 13.52 -12.54
N GLU C 54 -5.87 12.21 -12.63
CA GLU C 54 -6.92 11.26 -12.89
C GLU C 54 -7.61 10.78 -11.62
N LYS C 55 -8.87 10.45 -11.80
CA LYS C 55 -9.69 9.96 -10.72
C LYS C 55 -9.24 8.54 -10.39
N GLY C 56 -9.15 8.23 -9.10
CA GLY C 56 -8.78 6.89 -8.68
C GLY C 56 -10.06 6.15 -8.30
N ASP C 57 -9.95 5.10 -7.49
CA ASP C 57 -11.11 4.32 -7.06
C ASP C 57 -12.20 5.19 -6.45
N ILE C 58 -11.78 6.05 -5.52
CA ILE C 58 -12.72 6.92 -4.84
C ILE C 58 -12.35 8.39 -4.91
N PRO C 59 -12.78 9.07 -5.99
CA PRO C 59 -12.50 10.49 -6.21
C PRO C 59 -13.48 11.41 -5.49
N ASP C 60 -14.74 10.98 -5.41
CA ASP C 60 -15.84 11.75 -4.80
C ASP C 60 -15.45 12.66 -3.64
N GLY C 61 -15.80 13.94 -3.73
CA GLY C 61 -15.49 14.87 -2.66
C GLY C 61 -14.12 15.52 -2.72
N TYR C 62 -13.16 14.84 -3.33
CA TYR C 62 -11.82 15.37 -3.42
C TYR C 62 -11.45 15.90 -4.79
N LYS C 63 -10.60 16.92 -4.77
CA LYS C 63 -10.04 17.51 -5.98
C LYS C 63 -8.58 17.24 -5.72
N ALA C 64 -7.74 17.46 -6.69
CA ALA C 64 -6.34 17.23 -6.47
C ALA C 64 -5.68 18.11 -7.48
N SER C 65 -4.39 18.35 -7.33
CA SER C 65 -3.70 19.17 -8.27
C SER C 65 -2.28 18.73 -8.34
N ARG C 66 -1.72 18.80 -9.54
CA ARG C 66 -0.33 18.43 -9.76
C ARG C 66 0.23 19.65 -10.46
N PRO C 67 0.38 20.75 -9.72
CA PRO C 67 0.90 22.05 -10.18
C PRO C 67 2.39 22.04 -10.55
N SER C 68 3.14 21.19 -9.87
CA SER C 68 4.55 21.06 -10.10
C SER C 68 4.78 19.56 -10.20
N GLN C 69 6.00 19.14 -10.53
CA GLN C 69 6.24 17.71 -10.61
C GLN C 69 6.44 17.19 -9.17
N GLU C 70 7.03 18.03 -8.33
CA GLU C 70 7.28 17.65 -6.94
C GLU C 70 6.05 17.63 -6.05
N GLN C 71 5.03 18.42 -6.38
CA GLN C 71 3.86 18.48 -5.55
C GLN C 71 2.58 17.98 -6.13
N PHE C 72 1.79 17.33 -5.29
CA PHE C 72 0.49 16.80 -5.64
C PHE C 72 -0.26 17.14 -4.37
N SER C 73 -1.42 17.79 -4.47
CA SER C 73 -2.21 18.16 -3.29
C SER C 73 -3.68 17.82 -3.39
N LEU C 74 -4.19 17.07 -2.43
CA LEU C 74 -5.59 16.65 -2.39
C LEU C 74 -6.43 17.72 -1.70
N ILE C 75 -7.49 18.15 -2.36
CA ILE C 75 -8.36 19.19 -1.80
C ILE C 75 -9.75 18.71 -1.41
N LEU C 76 -10.10 19.04 -0.17
CA LEU C 76 -11.39 18.70 0.41
C LEU C 76 -12.15 20.01 0.50
N GLU C 77 -13.06 20.22 -0.44
CA GLU C 77 -13.84 21.46 -0.47
C GLU C 77 -14.80 21.58 0.70
N LEU C 78 -15.74 20.65 0.78
CA LEU C 78 -16.72 20.66 1.86
C LEU C 78 -16.39 19.49 2.77
N ALA C 79 -15.38 19.69 3.61
CA ALA C 79 -14.96 18.65 4.53
C ALA C 79 -16.21 18.22 5.26
N THR C 80 -16.37 16.91 5.35
CA THR C 80 -17.51 16.34 6.05
C THR C 80 -17.01 15.26 6.99
N PRO C 81 -17.91 14.72 7.82
CA PRO C 81 -17.50 13.67 8.76
C PRO C 81 -16.90 12.46 7.98
N SER C 82 -17.53 12.14 6.86
CA SER C 82 -17.14 11.04 5.99
C SER C 82 -15.65 11.02 5.63
N GLN C 83 -15.01 12.19 5.59
CA GLN C 83 -13.60 12.21 5.21
C GLN C 83 -12.66 12.01 6.37
N THR C 84 -13.20 11.62 7.52
CA THR C 84 -12.37 11.36 8.67
C THR C 84 -11.64 10.05 8.39
N SER C 85 -10.33 10.16 8.15
CA SER C 85 -9.51 9.00 7.82
C SER C 85 -8.05 9.39 7.92
N VAL C 86 -7.16 8.54 7.38
CA VAL C 86 -5.71 8.78 7.40
C VAL C 86 -5.22 8.80 5.94
N TYR C 87 -4.73 9.94 5.50
CA TYR C 87 -4.28 10.07 4.13
C TYR C 87 -2.81 9.78 3.87
N PHE C 88 -2.60 8.83 2.99
CA PHE C 88 -1.26 8.42 2.60
C PHE C 88 -1.05 8.89 1.18
N CYS C 89 0.11 9.49 0.94
CA CYS C 89 0.49 9.96 -0.38
C CYS C 89 1.64 9.06 -0.79
N ALA C 90 1.67 8.66 -2.08
CA ALA C 90 2.74 7.79 -2.58
C ALA C 90 3.28 8.37 -3.87
N SER C 91 4.58 8.33 -4.01
CA SER C 91 5.27 8.81 -5.19
C SER C 91 5.70 7.53 -5.90
N GLY C 92 6.55 7.65 -6.90
CA GLY C 92 7.06 6.46 -7.56
C GLY C 92 6.45 5.92 -8.84
N GLY C 93 6.54 4.59 -8.94
CA GLY C 93 6.06 3.85 -10.09
C GLY C 93 4.55 3.82 -10.28
N GLY C 94 4.16 3.07 -11.30
CA GLY C 94 2.76 2.94 -11.70
C GLY C 94 1.66 2.53 -10.75
N ARG C 95 0.45 2.93 -11.11
CA ARG C 95 -0.75 2.62 -10.35
C ARG C 95 -0.78 1.11 -10.10
N GLY C 96 -1.32 0.68 -8.95
CA GLY C 96 -1.39 -0.74 -8.63
C GLY C 96 -0.07 -1.49 -8.58
N SER C 97 1.04 -0.78 -8.73
CA SER C 97 2.38 -1.37 -8.70
C SER C 97 3.06 -0.90 -7.43
N TYR C 98 2.62 -1.45 -6.29
CA TYR C 98 3.17 -1.07 -5.00
C TYR C 98 4.67 -1.24 -4.81
N ALA C 99 5.24 -2.22 -5.49
CA ALA C 99 6.66 -2.48 -5.37
C ALA C 99 7.55 -1.30 -5.75
N GLU C 100 7.00 -0.28 -6.41
CA GLU C 100 7.79 0.88 -6.84
C GLU C 100 7.36 2.20 -6.24
N GLN C 101 6.30 2.19 -5.45
CA GLN C 101 5.82 3.40 -4.82
C GLN C 101 6.58 3.71 -3.55
N PHE C 102 6.67 5.00 -3.22
CA PHE C 102 7.34 5.45 -2.01
C PHE C 102 6.26 6.18 -1.23
N PHE C 103 5.82 5.57 -0.14
CA PHE C 103 4.77 6.13 0.70
C PHE C 103 5.23 7.28 1.57
N GLY C 104 4.28 8.12 1.97
CA GLY C 104 4.57 9.24 2.81
C GLY C 104 4.16 8.86 4.21
N PRO C 105 4.55 9.63 5.23
CA PRO C 105 4.28 9.46 6.66
C PRO C 105 2.82 9.26 7.04
N GLY C 106 1.92 9.99 6.40
CA GLY C 106 0.51 9.84 6.68
C GLY C 106 -0.05 11.04 7.38
N THR C 107 -1.26 11.46 7.02
CA THR C 107 -1.88 12.63 7.66
C THR C 107 -3.13 12.16 8.32
N ARG C 108 -3.29 12.47 9.60
CA ARG C 108 -4.48 12.08 10.33
C ARG C 108 -5.40 13.28 10.32
N LEU C 109 -6.57 13.09 9.71
CA LEU C 109 -7.55 14.14 9.62
C LEU C 109 -8.89 13.69 10.23
N THR C 110 -9.42 14.50 11.13
CA THR C 110 -10.71 14.22 11.75
C THR C 110 -11.61 15.46 11.49
N VAL C 111 -12.70 15.25 10.79
CA VAL C 111 -13.64 16.33 10.46
C VAL C 111 -14.83 16.29 11.42
N LEU C 112 -14.68 16.97 12.57
CA LEU C 112 -15.72 17.02 13.61
C LEU C 112 -16.72 18.18 13.54
N GLU C 113 -17.87 17.99 14.18
CA GLU C 113 -18.96 18.95 14.20
C GLU C 113 -18.57 20.34 14.70
N ASP C 114 -17.90 20.40 15.84
CA ASP C 114 -17.46 21.67 16.41
C ASP C 114 -16.22 21.47 17.27
N LEU C 115 -15.22 22.28 17.03
CA LEU C 115 -13.97 22.20 17.75
C LEU C 115 -13.96 22.21 19.29
N ARG C 116 -15.11 22.35 19.94
CA ARG C 116 -15.08 22.37 21.40
C ARG C 116 -15.07 20.96 22.00
N GLN C 117 -15.05 19.97 21.12
CA GLN C 117 -15.00 18.55 21.50
C GLN C 117 -13.57 18.03 21.69
N VAL C 118 -12.59 18.78 21.17
CA VAL C 118 -11.20 18.40 21.29
C VAL C 118 -10.72 18.53 22.74
N THR C 119 -10.44 17.39 23.35
CA THR C 119 -9.99 17.37 24.73
C THR C 119 -8.70 16.64 24.91
N PRO C 120 -7.75 17.23 25.63
CA PRO C 120 -6.49 16.54 25.85
C PRO C 120 -6.84 15.36 26.76
N PRO C 121 -5.93 14.38 26.88
CA PRO C 121 -6.19 13.21 27.72
C PRO C 121 -5.67 13.24 29.16
N LYS C 122 -6.18 12.30 29.94
CA LYS C 122 -5.77 12.10 31.32
C LYS C 122 -4.83 10.91 31.14
N VAL C 123 -3.73 10.87 31.88
CA VAL C 123 -2.78 9.75 31.76
C VAL C 123 -2.42 9.25 33.17
N SER C 124 -2.57 7.96 33.41
CA SER C 124 -2.27 7.44 34.73
C SER C 124 -1.43 6.19 34.66
N LEU C 125 -0.77 5.90 35.77
CA LEU C 125 0.07 4.71 35.90
C LEU C 125 -0.55 3.76 36.94
N PHE C 126 -0.54 2.47 36.63
CA PHE C 126 -1.11 1.49 37.52
C PHE C 126 -0.28 0.24 37.51
N GLU C 127 -0.60 -0.66 38.41
CA GLU C 127 0.08 -1.93 38.55
C GLU C 127 -1.05 -2.92 38.51
N PRO C 128 -0.95 -3.94 37.64
CA PRO C 128 -2.05 -4.92 37.61
C PRO C 128 -1.92 -5.82 38.84
N SER C 129 -2.61 -6.95 38.82
CA SER C 129 -2.55 -7.87 39.95
C SER C 129 -2.42 -9.30 39.44
N LYS C 130 -1.26 -9.91 39.72
CA LYS C 130 -0.98 -11.27 39.30
C LYS C 130 -2.00 -12.26 39.86
N ALA C 131 -2.52 -11.95 41.06
CA ALA C 131 -3.50 -12.80 41.72
C ALA C 131 -4.82 -12.90 40.96
N GLU C 132 -5.03 -12.02 39.98
CA GLU C 132 -6.25 -12.01 39.19
C GLU C 132 -6.27 -13.07 38.09
N ILE C 133 -5.09 -13.58 37.73
CA ILE C 133 -5.00 -14.59 36.68
C ILE C 133 -4.18 -15.80 37.10
N ALA C 134 -4.37 -16.91 36.38
CA ALA C 134 -3.64 -18.14 36.65
C ALA C 134 -2.27 -18.06 36.01
N ASN C 135 -2.15 -17.24 34.98
CA ASN C 135 -0.89 -17.04 34.27
C ASN C 135 -0.02 -16.04 35.03
N LYS C 136 1.11 -15.66 34.44
CA LYS C 136 2.03 -14.76 35.08
C LYS C 136 1.77 -13.25 34.96
N GLN C 137 2.35 -12.52 35.91
CA GLN C 137 2.30 -11.06 36.05
C GLN C 137 1.18 -10.20 35.46
N LYS C 138 0.97 -10.26 34.15
CA LYS C 138 -0.05 -9.46 33.46
C LYS C 138 0.43 -8.02 33.29
N ALA C 139 1.71 -7.89 32.96
CA ALA C 139 2.38 -6.61 32.73
C ALA C 139 2.70 -5.78 33.97
N THR C 140 3.98 -5.47 34.12
CA THR C 140 4.50 -4.67 35.22
C THR C 140 3.73 -3.36 35.45
N LEU C 141 3.80 -2.44 34.49
CA LEU C 141 3.13 -1.16 34.61
C LEU C 141 2.04 -0.98 33.56
N VAL C 142 1.06 -0.17 33.92
CA VAL C 142 -0.06 0.15 33.03
C VAL C 142 -0.26 1.67 32.85
N CYS C 143 -0.15 2.14 31.60
CA CYS C 143 -0.36 3.56 31.31
C CYS C 143 -1.75 3.63 30.73
N LEU C 144 -2.58 4.52 31.24
CA LEU C 144 -3.93 4.59 30.74
C LEU C 144 -4.38 6.01 30.49
N ALA C 145 -4.17 6.45 29.25
CA ALA C 145 -4.53 7.76 28.77
C ALA C 145 -5.95 7.64 28.30
N ARG C 146 -6.85 8.42 28.87
CA ARG C 146 -8.22 8.33 28.47
C ARG C 146 -8.94 9.65 28.57
N GLY C 147 -10.13 9.68 27.96
CA GLY C 147 -10.98 10.86 27.96
C GLY C 147 -10.51 11.93 27.00
N PHE C 148 -9.89 11.51 25.88
CA PHE C 148 -9.40 12.45 24.89
C PHE C 148 -10.15 12.38 23.58
N PHE C 149 -9.98 13.42 22.76
CA PHE C 149 -10.65 13.50 21.47
C PHE C 149 -10.08 14.67 20.66
N PRO C 150 -9.69 14.45 19.39
CA PRO C 150 -9.72 13.23 18.58
C PRO C 150 -8.42 12.46 18.86
N ASP C 151 -8.33 11.24 18.35
CA ASP C 151 -7.16 10.41 18.59
C ASP C 151 -5.83 10.80 17.94
N HIS C 152 -5.38 12.03 18.06
CA HIS C 152 -4.11 12.35 17.43
C HIS C 152 -3.02 12.35 18.48
N VAL C 153 -2.82 11.15 19.04
CA VAL C 153 -1.86 10.91 20.11
C VAL C 153 -0.84 9.80 19.87
N GLU C 154 0.33 9.98 20.46
CA GLU C 154 1.41 9.00 20.34
C GLU C 154 1.98 8.71 21.72
N LEU C 155 1.77 7.49 22.21
CA LEU C 155 2.24 7.08 23.52
C LEU C 155 3.69 6.66 23.52
N SER C 156 4.41 6.88 24.62
CA SER C 156 5.82 6.47 24.73
C SER C 156 6.18 6.08 26.18
N TRP C 157 7.34 5.47 26.37
CA TRP C 157 7.81 5.05 27.70
C TRP C 157 9.27 5.47 27.89
N TRP C 158 9.60 6.01 29.05
CA TRP C 158 10.95 6.45 29.30
C TRP C 158 11.50 6.01 30.67
N VAL C 159 12.34 4.98 30.67
CA VAL C 159 12.92 4.49 31.91
C VAL C 159 14.25 5.19 32.21
N ASN C 160 14.32 5.82 33.38
CA ASN C 160 15.51 6.53 33.80
C ASN C 160 15.93 7.59 32.79
N GLY C 161 14.95 8.19 32.14
CA GLY C 161 15.24 9.24 31.19
C GLY C 161 15.48 8.83 29.74
N LYS C 162 15.40 7.54 29.47
CA LYS C 162 15.61 7.04 28.11
C LYS C 162 14.33 6.40 27.58
N GLU C 163 14.05 6.61 26.29
CA GLU C 163 12.86 6.04 25.70
C GLU C 163 13.18 4.58 25.42
N VAL C 164 12.38 3.69 25.98
CA VAL C 164 12.60 2.28 25.77
C VAL C 164 11.61 1.77 24.74
N HIS C 165 11.92 0.62 24.16
CA HIS C 165 11.05 0.01 23.16
C HIS C 165 10.93 -1.48 23.46
N SER C 166 11.76 -1.94 24.40
CA SER C 166 11.78 -3.34 24.81
C SER C 166 10.88 -3.53 26.02
N GLY C 167 10.00 -4.52 25.92
CA GLY C 167 9.09 -4.81 27.02
C GLY C 167 7.82 -3.97 27.02
N VAL C 168 7.68 -3.09 26.04
CA VAL C 168 6.50 -2.25 25.97
C VAL C 168 5.43 -2.95 25.12
N SER C 169 4.18 -2.75 25.49
CA SER C 169 3.06 -3.34 24.75
C SER C 169 1.90 -2.37 24.69
N THR C 170 2.00 -1.41 23.78
CA THR C 170 0.98 -0.40 23.59
C THR C 170 -0.09 -0.99 22.68
N ASP C 171 -1.36 -0.77 23.05
CA ASP C 171 -2.48 -1.25 22.26
C ASP C 171 -2.28 -0.81 20.81
N PRO C 172 -2.75 -1.63 19.85
CA PRO C 172 -2.58 -1.26 18.45
C PRO C 172 -3.17 0.11 18.13
N GLN C 173 -4.39 0.35 18.58
CA GLN C 173 -5.06 1.61 18.30
C GLN C 173 -5.95 2.08 19.43
N ALA C 174 -6.19 3.39 19.45
CA ALA C 174 -7.04 4.02 20.45
C ALA C 174 -8.48 3.55 20.29
N TYR C 175 -9.10 3.19 21.41
CA TYR C 175 -10.48 2.72 21.43
C TYR C 175 -11.44 3.85 21.79
N LYS C 176 -12.51 3.99 21.02
CA LYS C 176 -13.47 5.03 21.29
C LYS C 176 -14.30 4.60 22.50
N GLU C 177 -13.91 5.06 23.69
CA GLU C 177 -14.62 4.69 24.92
C GLU C 177 -15.98 5.36 25.01
N SER C 178 -16.27 6.24 24.05
CA SER C 178 -17.55 6.95 23.94
C SER C 178 -17.52 7.70 22.61
N ASN C 179 -18.67 8.23 22.19
CA ASN C 179 -18.77 8.95 20.93
C ASN C 179 -17.77 10.09 20.81
N TYR C 180 -17.37 10.66 21.95
CA TYR C 180 -16.40 11.76 21.96
C TYR C 180 -15.34 11.56 23.03
N SER C 181 -14.84 10.33 23.13
CA SER C 181 -13.81 9.99 24.09
C SER C 181 -13.05 8.78 23.61
N TYR C 182 -11.74 8.84 23.73
CA TYR C 182 -10.84 7.79 23.31
C TYR C 182 -10.01 7.27 24.48
N CYS C 183 -9.72 5.97 24.47
CA CYS C 183 -8.91 5.36 25.52
C CYS C 183 -7.69 4.68 24.90
N LEU C 184 -6.57 4.70 25.59
CA LEU C 184 -5.36 4.10 25.07
C LEU C 184 -4.62 3.50 26.25
N SER C 185 -3.80 2.47 26.03
CA SER C 185 -3.06 1.86 27.12
C SER C 185 -1.86 1.03 26.74
N SER C 186 -0.68 1.45 27.16
CA SER C 186 0.52 0.71 26.89
C SER C 186 0.90 -0.01 28.18
N ARG C 187 1.69 -1.06 28.08
CA ARG C 187 2.12 -1.83 29.25
C ARG C 187 3.61 -2.10 29.15
N LEU C 188 4.38 -1.53 30.06
CA LEU C 188 5.82 -1.73 30.07
C LEU C 188 6.15 -2.73 31.14
N ARG C 189 6.72 -3.86 30.73
CA ARG C 189 7.11 -4.91 31.66
C ARG C 189 8.62 -4.90 31.89
N VAL C 190 9.02 -4.80 33.15
CA VAL C 190 10.43 -4.80 33.49
C VAL C 190 10.73 -5.92 34.47
N SER C 191 11.99 -6.01 34.89
CA SER C 191 12.39 -7.01 35.87
C SER C 191 11.89 -6.47 37.21
N ALA C 192 11.23 -7.32 37.99
CA ALA C 192 10.71 -6.93 39.29
C ALA C 192 11.72 -6.13 40.13
N THR C 193 12.92 -6.66 40.27
CA THR C 193 13.95 -5.96 41.03
C THR C 193 14.14 -4.57 40.46
N PHE C 194 14.02 -4.44 39.15
CA PHE C 194 14.16 -3.14 38.50
C PHE C 194 13.01 -2.24 38.98
N TRP C 195 11.79 -2.79 38.99
CA TRP C 195 10.62 -2.03 39.43
C TRP C 195 10.70 -1.75 40.91
N HIS C 196 11.60 -2.46 41.61
CA HIS C 196 11.76 -2.28 43.04
C HIS C 196 12.94 -1.42 43.45
N ASN C 197 13.64 -0.87 42.47
CA ASN C 197 14.76 0.01 42.74
C ASN C 197 14.19 1.42 42.77
N PRO C 198 14.10 2.01 43.98
CA PRO C 198 13.59 3.37 44.19
C PRO C 198 14.34 4.43 43.40
N ARG C 199 15.50 4.07 42.85
CA ARG C 199 16.30 5.01 42.06
C ARG C 199 15.83 5.09 40.59
N ASN C 200 15.13 4.05 40.14
CA ASN C 200 14.62 3.96 38.78
C ASN C 200 13.36 4.77 38.52
N HIS C 201 13.39 5.52 37.42
CA HIS C 201 12.29 6.36 37.03
C HIS C 201 11.56 5.75 35.83
N PHE C 202 10.25 5.98 35.77
CA PHE C 202 9.41 5.45 34.70
C PHE C 202 8.51 6.60 34.22
N ARG C 203 8.56 6.93 32.93
CA ARG C 203 7.72 8.01 32.39
C ARG C 203 6.88 7.57 31.21
N CYS C 204 5.58 7.69 31.36
CA CYS C 204 4.67 7.36 30.27
C CYS C 204 4.15 8.66 29.74
N GLN C 205 4.75 9.10 28.63
CA GLN C 205 4.39 10.35 27.97
C GLN C 205 3.53 10.12 26.74
N VAL C 206 2.45 10.87 26.65
CA VAL C 206 1.55 10.75 25.53
C VAL C 206 1.62 12.08 24.78
N GLN C 207 1.71 12.00 23.46
CA GLN C 207 1.79 13.18 22.64
C GLN C 207 0.39 13.51 22.18
N PHE C 208 -0.13 14.69 22.48
CA PHE C 208 -1.48 15.04 22.04
C PHE C 208 -1.28 16.09 20.96
N HIS C 209 -2.12 16.01 19.93
CA HIS C 209 -2.11 16.95 18.80
C HIS C 209 -3.54 17.45 18.64
N GLY C 210 -3.73 18.76 18.73
CA GLY C 210 -5.07 19.28 18.62
C GLY C 210 -5.18 20.48 17.72
N LEU C 211 -5.75 21.55 18.27
CA LEU C 211 -5.94 22.79 17.52
C LEU C 211 -4.63 23.47 17.08
N SER C 212 -4.32 23.33 15.79
CA SER C 212 -3.13 23.90 15.20
C SER C 212 -3.19 25.44 15.22
N GLU C 213 -2.04 26.07 15.04
CA GLU C 213 -1.93 27.53 15.05
C GLU C 213 -2.90 28.26 14.12
N GLU C 214 -3.32 27.60 13.05
CA GLU C 214 -4.24 28.20 12.09
C GLU C 214 -5.72 28.05 12.46
N ASP C 215 -6.00 27.31 13.53
CA ASP C 215 -7.37 27.09 13.97
C ASP C 215 -7.83 28.13 14.98
N LYS C 216 -8.73 29.01 14.56
CA LYS C 216 -9.24 30.05 15.45
C LYS C 216 -10.28 29.46 16.40
N TRP C 217 -9.99 29.55 17.70
CA TRP C 217 -10.87 29.02 18.73
C TRP C 217 -12.04 29.96 19.00
N PRO C 218 -13.27 29.40 19.08
CA PRO C 218 -14.46 30.21 19.34
C PRO C 218 -14.39 30.85 20.72
N GLU C 219 -14.47 32.18 20.75
CA GLU C 219 -14.42 32.92 22.01
C GLU C 219 -15.51 32.50 22.97
N GLY C 220 -15.11 32.16 24.19
CA GLY C 220 -16.08 31.73 25.19
C GLY C 220 -15.44 30.84 26.24
N SER C 221 -14.42 30.09 25.84
CA SER C 221 -13.72 29.19 26.73
C SER C 221 -12.24 29.09 26.39
N PRO C 222 -11.40 28.67 27.36
CA PRO C 222 -9.96 28.54 27.12
C PRO C 222 -9.64 27.52 26.03
N LYS C 223 -8.70 27.88 25.16
CA LYS C 223 -8.29 27.03 24.05
C LYS C 223 -7.19 26.03 24.41
N PRO C 224 -7.39 24.75 24.07
CA PRO C 224 -6.43 23.68 24.35
C PRO C 224 -5.06 23.82 23.68
N VAL C 225 -4.18 24.52 24.38
CA VAL C 225 -2.81 24.76 23.94
C VAL C 225 -1.94 23.51 24.17
N THR C 226 -2.43 22.62 25.04
CA THR C 226 -1.71 21.39 25.40
C THR C 226 -1.05 20.62 24.27
N GLN C 227 0.11 20.06 24.62
CA GLN C 227 0.90 19.30 23.68
C GLN C 227 1.29 17.94 24.25
N ASN C 228 2.28 17.94 25.13
CA ASN C 228 2.79 16.69 25.70
C ASN C 228 2.48 16.40 27.19
N ILE C 229 1.66 15.37 27.45
CA ILE C 229 1.35 15.01 28.83
C ILE C 229 2.14 13.76 29.25
N SER C 230 2.26 13.54 30.54
CA SER C 230 3.00 12.40 31.05
C SER C 230 2.64 12.08 32.49
N ALA C 231 2.76 10.80 32.82
CA ALA C 231 2.50 10.30 34.16
C ALA C 231 3.81 9.64 34.56
N GLU C 232 4.32 9.99 35.73
CA GLU C 232 5.59 9.42 36.17
C GLU C 232 5.45 8.76 37.52
N ALA C 233 6.43 7.93 37.86
CA ALA C 233 6.48 7.22 39.11
C ALA C 233 7.90 6.70 39.26
N TRP C 234 8.26 6.17 40.42
CA TRP C 234 9.60 5.64 40.64
C TRP C 234 9.48 4.19 41.10
N GLY C 235 10.61 3.62 41.48
CA GLY C 235 10.63 2.25 41.96
C GLY C 235 10.11 2.09 43.37
N ARG C 236 9.39 1.00 43.60
CA ARG C 236 8.83 0.69 44.91
C ARG C 236 9.71 -0.36 45.58
N ALA C 237 10.33 0.02 46.70
CA ALA C 237 11.24 -0.84 47.47
C ALA C 237 10.99 -2.36 47.39
N ASP C 238 12.07 -3.12 47.36
CA ASP C 238 12.02 -4.58 47.28
C ASP C 238 12.05 -5.18 48.68
N GLU D 1 -15.06 30.69 -45.45
CA GLU D 1 -14.75 30.43 -46.89
C GLU D 1 -13.79 29.24 -47.02
N SER D 2 -13.81 28.37 -46.01
CA SER D 2 -12.93 27.21 -46.01
C SER D 2 -13.56 26.04 -45.26
N GLN D 3 -13.52 26.08 -43.93
CA GLN D 3 -14.10 25.01 -43.12
C GLN D 3 -15.56 25.25 -42.82
N PRO D 4 -16.43 24.29 -43.19
CA PRO D 4 -17.87 24.37 -42.98
C PRO D 4 -18.17 24.40 -41.50
N ASP D 5 -19.19 25.16 -41.10
CA ASP D 5 -19.54 25.21 -39.70
C ASP D 5 -19.89 23.80 -39.23
N PRO D 6 -19.60 23.47 -37.96
CA PRO D 6 -19.86 22.16 -37.36
C PRO D 6 -21.31 21.71 -37.29
N MET D 7 -21.56 20.48 -37.74
CA MET D 7 -22.90 19.93 -37.66
C MET D 7 -23.05 19.56 -36.18
N PRO D 8 -24.25 19.79 -35.59
CA PRO D 8 -24.50 19.48 -34.17
C PRO D 8 -23.95 18.17 -33.67
N ASP D 9 -23.96 17.13 -34.50
CA ASP D 9 -23.42 15.85 -34.06
C ASP D 9 -21.99 15.62 -34.53
N ASP D 10 -21.29 16.70 -34.82
CA ASP D 10 -19.88 16.64 -35.26
C ASP D 10 -19.06 17.15 -34.09
N LEU D 11 -19.74 17.89 -33.22
CA LEU D 11 -19.13 18.49 -32.05
C LEU D 11 -19.14 17.51 -30.88
N HIS D 12 -18.27 17.74 -29.91
CA HIS D 12 -18.14 16.88 -28.74
C HIS D 12 -19.10 17.28 -27.64
N LYS D 13 -19.53 16.29 -26.86
CA LYS D 13 -20.43 16.53 -25.74
C LYS D 13 -19.63 16.23 -24.50
N SER D 14 -19.62 17.17 -23.55
CA SER D 14 -18.89 17.02 -22.30
C SER D 14 -19.47 15.87 -21.46
N SER D 15 -20.78 15.66 -21.57
CA SER D 15 -21.44 14.60 -20.83
C SER D 15 -21.09 13.22 -21.42
N GLU D 16 -20.26 13.21 -22.45
CA GLU D 16 -19.85 11.96 -23.04
C GLU D 16 -18.38 11.71 -22.68
N PHE D 17 -17.88 12.58 -21.80
CA PHE D 17 -16.53 12.53 -21.30
C PHE D 17 -16.69 12.27 -19.82
N THR D 18 -16.34 11.05 -19.39
CA THR D 18 -16.45 10.66 -18.00
C THR D 18 -15.14 10.77 -17.22
N GLY D 19 -14.32 11.74 -17.57
CA GLY D 19 -13.06 11.94 -16.87
C GLY D 19 -13.01 13.23 -16.04
N THR D 20 -11.79 13.57 -15.61
CA THR D 20 -11.53 14.77 -14.82
C THR D 20 -11.37 15.94 -15.80
N MET D 21 -12.46 16.66 -16.06
CA MET D 21 -12.44 17.81 -16.98
C MET D 21 -11.35 18.85 -16.64
N GLY D 22 -11.02 18.93 -15.36
CA GLY D 22 -10.01 19.86 -14.88
C GLY D 22 -8.66 19.69 -15.53
N ASN D 23 -8.53 18.69 -16.41
CA ASN D 23 -7.28 18.44 -17.13
C ASN D 23 -7.31 19.26 -18.40
N MET D 24 -8.53 19.64 -18.79
CA MET D 24 -8.77 20.48 -19.95
C MET D 24 -8.56 21.93 -19.51
N LYS D 25 -9.09 22.22 -18.32
CA LYS D 25 -9.00 23.55 -17.75
C LYS D 25 -7.56 23.95 -17.49
N TYR D 26 -6.72 22.99 -17.12
CA TYR D 26 -5.30 23.27 -16.85
C TYR D 26 -4.65 23.98 -18.03
N LEU D 27 -5.09 23.60 -19.23
CA LEU D 27 -4.53 24.15 -20.43
C LEU D 27 -4.83 25.63 -20.60
N TYR D 28 -6.05 26.01 -20.29
CA TYR D 28 -6.43 27.37 -20.49
C TYR D 28 -6.36 28.41 -19.37
N ASP D 29 -6.83 28.06 -18.18
CA ASP D 29 -6.79 28.96 -17.02
C ASP D 29 -5.34 29.41 -16.77
N ASP D 30 -5.11 30.72 -16.92
CA ASP D 30 -3.80 31.38 -16.77
C ASP D 30 -2.58 30.48 -17.01
N HIS D 31 -2.65 29.72 -18.11
CA HIS D 31 -1.58 28.79 -18.43
C HIS D 31 -1.11 28.90 -19.85
N TYR D 32 0.16 29.27 -20.01
CA TYR D 32 0.76 29.41 -21.31
C TYR D 32 2.25 29.54 -21.22
N VAL D 33 2.89 29.63 -22.38
CA VAL D 33 4.34 29.82 -22.50
C VAL D 33 4.41 31.11 -23.28
N SER D 34 5.27 32.03 -22.87
CA SER D 34 5.39 33.29 -23.59
C SER D 34 6.84 33.62 -23.86
N ALA D 35 7.12 34.01 -25.11
CA ALA D 35 8.47 34.36 -25.51
C ALA D 35 8.45 35.51 -26.51
N THR D 36 9.52 36.29 -26.48
CA THR D 36 9.69 37.42 -27.36
C THR D 36 11.16 37.44 -27.72
N LYS D 37 11.43 37.46 -29.03
CA LYS D 37 12.80 37.51 -29.55
C LYS D 37 13.62 36.33 -29.06
N VAL D 38 13.18 35.14 -29.42
CA VAL D 38 13.88 33.92 -29.00
C VAL D 38 14.27 33.16 -30.26
N LYS D 39 15.48 32.60 -30.25
CA LYS D 39 15.99 31.83 -31.39
C LYS D 39 15.99 30.34 -31.06
N SER D 40 15.67 29.52 -32.06
CA SER D 40 15.67 28.08 -31.85
C SER D 40 17.09 27.70 -31.43
N VAL D 41 17.22 26.70 -30.56
CA VAL D 41 18.55 26.28 -30.07
C VAL D 41 18.87 24.81 -30.28
N ASP D 42 17.86 24.00 -30.61
CA ASP D 42 18.05 22.57 -30.82
C ASP D 42 16.87 21.99 -31.59
N LYS D 43 16.93 20.69 -31.83
CA LYS D 43 15.89 19.97 -32.54
C LYS D 43 15.95 18.51 -32.08
N PHE D 44 14.79 17.93 -31.77
CA PHE D 44 14.72 16.52 -31.38
C PHE D 44 14.44 15.74 -32.66
N LEU D 45 13.24 15.92 -33.17
CA LEU D 45 12.85 15.26 -34.40
C LEU D 45 12.54 16.38 -35.37
N ALA D 46 12.95 16.20 -36.63
CA ALA D 46 12.75 17.19 -37.68
C ALA D 46 11.70 18.28 -37.45
N HIS D 47 10.41 17.90 -37.46
CA HIS D 47 9.32 18.84 -37.30
C HIS D 47 9.21 19.58 -35.96
N ASP D 48 10.25 19.54 -35.13
CA ASP D 48 10.18 20.23 -33.85
C ASP D 48 11.44 20.99 -33.47
N LEU D 49 11.23 22.20 -32.97
CA LEU D 49 12.29 23.09 -32.55
C LEU D 49 12.29 23.20 -31.03
N ILE D 50 13.46 23.40 -30.44
CA ILE D 50 13.58 23.53 -28.99
C ILE D 50 14.12 24.93 -28.68
N TYR D 51 13.47 25.61 -27.74
CA TYR D 51 13.85 26.97 -27.38
C TYR D 51 14.23 27.11 -25.91
N ASN D 52 15.17 28.02 -25.65
CA ASN D 52 15.62 28.32 -24.28
C ASN D 52 14.65 29.35 -23.74
N ILE D 53 13.67 28.88 -23.00
CA ILE D 53 12.65 29.75 -22.42
C ILE D 53 12.40 29.22 -21.01
N ASN D 54 12.69 30.03 -20.00
CA ASN D 54 12.47 29.62 -18.62
C ASN D 54 11.04 29.87 -18.14
N ASP D 55 10.62 29.11 -17.14
CA ASP D 55 9.29 29.24 -16.58
C ASP D 55 9.20 30.41 -15.60
N LYS D 56 9.04 31.60 -16.15
CA LYS D 56 8.93 32.82 -15.36
C LYS D 56 7.86 32.72 -14.27
N LYS D 57 6.76 32.04 -14.59
CA LYS D 57 5.64 31.88 -13.67
C LYS D 57 5.87 31.02 -12.42
N LEU D 58 6.57 29.89 -12.59
CA LEU D 58 6.77 28.96 -11.49
C LEU D 58 8.01 28.08 -11.67
N ASN D 59 9.09 28.66 -12.19
CA ASN D 59 10.36 27.95 -12.41
C ASN D 59 10.25 26.41 -12.54
N ASN D 60 9.39 25.97 -13.46
CA ASN D 60 9.16 24.54 -13.73
C ASN D 60 10.05 24.04 -14.86
N TYR D 61 10.36 24.92 -15.81
CA TYR D 61 11.21 24.57 -16.95
C TYR D 61 12.13 25.70 -17.34
N ASP D 62 13.02 25.40 -18.28
CA ASP D 62 13.95 26.38 -18.84
C ASP D 62 14.14 26.08 -20.32
N LYS D 63 13.33 25.15 -20.81
CA LYS D 63 13.35 24.70 -22.20
C LYS D 63 11.92 24.46 -22.66
N VAL D 64 11.64 24.74 -23.93
CA VAL D 64 10.32 24.53 -24.50
C VAL D 64 10.42 23.89 -25.91
N LYS D 65 9.63 22.86 -26.16
CA LYS D 65 9.62 22.19 -27.46
C LYS D 65 8.27 22.34 -28.14
N THR D 66 8.28 23.06 -29.25
CA THR D 66 7.08 23.27 -30.06
C THR D 66 7.21 22.43 -31.32
N GLU D 67 6.19 21.61 -31.58
CA GLU D 67 6.18 20.77 -32.76
C GLU D 67 5.26 21.38 -33.80
N LEU D 68 5.71 21.33 -35.04
CA LEU D 68 4.99 21.86 -36.19
C LEU D 68 4.65 20.71 -37.11
N LEU D 69 3.59 20.89 -37.88
CA LEU D 69 3.07 19.89 -38.81
C LEU D 69 4.07 19.23 -39.77
N ASN D 70 5.12 19.94 -40.12
CA ASN D 70 6.12 19.38 -41.04
C ASN D 70 7.49 20.02 -40.88
N GLU D 71 8.53 19.27 -41.27
CA GLU D 71 9.91 19.77 -41.17
C GLU D 71 10.09 21.04 -41.98
N ASP D 72 9.27 21.19 -43.02
CA ASP D 72 9.33 22.38 -43.84
C ASP D 72 9.12 23.58 -42.93
N LEU D 73 8.12 23.49 -42.06
CA LEU D 73 7.79 24.54 -41.11
C LEU D 73 8.85 24.71 -40.03
N ALA D 74 9.45 23.60 -39.62
CA ALA D 74 10.49 23.62 -38.59
C ALA D 74 11.70 24.35 -39.18
N ASN D 75 12.18 23.81 -40.29
CA ASN D 75 13.31 24.34 -41.03
C ASN D 75 13.13 25.82 -41.32
N LYS D 76 11.87 26.23 -41.45
CA LYS D 76 11.55 27.62 -41.73
C LYS D 76 12.04 28.54 -40.59
N TYR D 77 11.56 28.31 -39.38
CA TYR D 77 11.94 29.15 -38.24
C TYR D 77 13.24 28.79 -37.57
N LYS D 78 13.86 27.70 -38.00
CA LYS D 78 15.11 27.23 -37.40
C LYS D 78 16.05 28.36 -36.98
N ASP D 79 16.35 29.28 -37.90
CA ASP D 79 17.24 30.39 -37.59
C ASP D 79 16.51 31.73 -37.63
N GLU D 80 15.23 31.74 -37.26
CA GLU D 80 14.45 32.96 -37.30
C GLU D 80 14.10 33.48 -35.91
N VAL D 81 14.46 34.73 -35.64
CA VAL D 81 14.14 35.34 -34.35
C VAL D 81 12.63 35.46 -34.30
N VAL D 82 12.02 34.81 -33.31
CA VAL D 82 10.57 34.80 -33.23
C VAL D 82 9.99 35.09 -31.87
N ASP D 83 8.66 34.95 -31.80
CA ASP D 83 7.88 35.12 -30.58
C ASP D 83 7.21 33.77 -30.36
N VAL D 84 6.98 33.40 -29.11
CA VAL D 84 6.37 32.12 -28.79
C VAL D 84 5.20 32.25 -27.83
N TYR D 85 4.07 31.66 -28.19
CA TYR D 85 2.91 31.69 -27.33
C TYR D 85 1.98 30.52 -27.55
N GLY D 86 1.62 29.87 -26.43
CA GLY D 86 0.72 28.74 -26.50
C GLY D 86 0.76 27.95 -25.22
N SER D 87 -0.29 27.17 -25.01
CA SER D 87 -0.45 26.33 -23.85
C SER D 87 0.50 25.13 -23.95
N ASN D 88 1.31 24.95 -22.92
CA ASN D 88 2.29 23.86 -22.86
C ASN D 88 1.82 22.72 -21.97
N TYR D 89 2.34 21.52 -22.21
CA TYR D 89 1.95 20.35 -21.46
C TYR D 89 3.17 19.62 -20.91
N TYR D 90 2.91 18.58 -20.10
CA TYR D 90 3.98 17.78 -19.48
C TYR D 90 3.89 16.25 -19.69
N VAL D 91 2.75 15.65 -19.38
CA VAL D 91 2.59 14.20 -19.56
C VAL D 91 2.76 13.89 -21.05
N ASN D 92 3.79 13.12 -21.34
CA ASN D 92 4.15 12.72 -22.70
C ASN D 92 5.01 13.75 -23.40
N CYS D 93 5.85 14.44 -22.64
CA CYS D 93 6.74 15.44 -23.19
C CYS D 93 8.18 14.89 -23.31
N TYR D 94 8.51 14.26 -24.44
CA TYR D 94 9.85 13.66 -24.61
C TYR D 94 10.79 14.45 -25.52
N PHE D 95 12.02 14.66 -25.08
CA PHE D 95 12.99 15.36 -25.90
C PHE D 95 14.01 14.37 -26.44
N SER D 96 14.28 13.32 -25.68
CA SER D 96 15.26 12.33 -26.09
C SER D 96 14.62 10.97 -26.34
N SER D 97 15.27 10.16 -27.17
CA SER D 97 14.81 8.83 -27.50
C SER D 97 14.69 7.97 -26.25
N LYS D 98 15.66 8.10 -25.35
CA LYS D 98 15.68 7.35 -24.10
C LYS D 98 14.78 7.97 -23.02
N ASP D 99 13.51 8.15 -23.36
CA ASP D 99 12.52 8.71 -22.44
C ASP D 99 11.26 7.87 -22.60
N ASN D 100 10.92 7.10 -21.57
CA ASN D 100 9.75 6.24 -21.61
C ASN D 100 8.44 7.02 -21.40
N VAL D 101 7.33 6.34 -21.61
CA VAL D 101 6.00 6.93 -21.46
C VAL D 101 5.89 7.63 -20.11
N GLY D 102 5.48 8.89 -20.14
CA GLY D 102 5.38 9.68 -18.93
C GLY D 102 6.67 10.43 -18.77
N LYS D 103 6.66 11.71 -19.15
CA LYS D 103 7.83 12.58 -19.07
C LYS D 103 8.48 12.52 -17.69
N VAL D 104 9.52 11.69 -17.59
CA VAL D 104 10.25 11.49 -16.33
C VAL D 104 11.14 12.66 -15.92
N THR D 105 11.65 13.38 -16.91
CA THR D 105 12.53 14.51 -16.67
C THR D 105 11.79 15.74 -16.14
N SER D 106 12.54 16.80 -15.86
CA SER D 106 11.99 18.05 -15.36
C SER D 106 12.85 19.17 -15.93
N GLY D 107 12.32 20.38 -15.97
CA GLY D 107 13.07 21.50 -16.51
C GLY D 107 12.79 21.75 -17.98
N LYS D 108 11.83 21.01 -18.52
CA LYS D 108 11.45 21.16 -19.94
C LYS D 108 9.96 20.92 -20.11
N THR D 109 9.37 21.54 -21.14
CA THR D 109 7.94 21.40 -21.41
C THR D 109 7.72 21.16 -22.91
N CYS D 110 6.47 21.04 -23.34
CA CYS D 110 6.17 20.79 -24.75
C CYS D 110 5.02 21.66 -25.22
N MET D 111 4.81 21.73 -26.52
CA MET D 111 3.72 22.51 -27.11
C MET D 111 3.74 22.35 -28.61
N TYR D 112 2.78 22.99 -29.27
CA TYR D 112 2.68 22.92 -30.72
C TYR D 112 2.45 24.30 -31.27
N GLY D 113 3.09 24.59 -32.41
CA GLY D 113 2.94 25.87 -33.08
C GLY D 113 3.27 27.09 -32.25
N GLY D 114 2.40 28.09 -32.31
CA GLY D 114 2.61 29.31 -31.53
C GLY D 114 3.76 30.22 -31.89
N ILE D 115 4.42 29.96 -33.02
CA ILE D 115 5.55 30.78 -33.48
C ILE D 115 5.07 31.81 -34.51
N THR D 116 5.65 33.01 -34.44
CA THR D 116 5.36 34.09 -35.38
C THR D 116 6.65 34.87 -35.46
N LYS D 117 7.01 35.36 -36.64
CA LYS D 117 8.23 36.13 -36.78
C LYS D 117 8.17 37.37 -35.88
N HIS D 118 9.32 37.80 -35.37
CA HIS D 118 9.33 38.97 -34.51
C HIS D 118 9.48 40.27 -35.28
N GLU D 119 10.24 40.21 -36.38
CA GLU D 119 10.51 41.37 -37.22
C GLU D 119 9.28 42.13 -37.70
N GLY D 120 9.16 43.37 -37.24
CA GLY D 120 8.05 44.23 -37.62
C GLY D 120 6.66 43.71 -37.35
N ASN D 121 6.56 42.58 -36.64
CA ASN D 121 5.27 41.99 -36.31
C ASN D 121 4.62 42.71 -35.12
N HIS D 122 5.41 43.49 -34.40
CA HIS D 122 4.89 44.22 -33.26
C HIS D 122 4.54 45.64 -33.67
N PHE D 123 3.43 46.14 -33.14
CA PHE D 123 2.93 47.47 -33.46
C PHE D 123 3.89 48.65 -33.46
N ASP D 124 3.79 49.43 -34.53
CA ASP D 124 4.61 50.62 -34.78
C ASP D 124 4.86 51.53 -33.58
N ASN D 125 3.83 51.76 -32.76
CA ASN D 125 3.98 52.64 -31.60
C ASN D 125 3.78 51.90 -30.28
N GLY D 126 4.00 50.59 -30.29
CA GLY D 126 3.84 49.79 -29.08
C GLY D 126 2.42 49.72 -28.57
N ASN D 127 1.47 49.49 -29.48
CA ASN D 127 0.06 49.38 -29.12
C ASN D 127 -0.30 47.91 -29.01
N LEU D 128 -1.53 47.65 -28.55
CA LEU D 128 -2.02 46.29 -28.41
C LEU D 128 -3.28 46.15 -29.23
N GLN D 129 -3.21 45.33 -30.27
CA GLN D 129 -4.38 45.14 -31.10
C GLN D 129 -5.44 44.47 -30.27
N ASN D 130 -6.63 45.05 -30.24
CA ASN D 130 -7.71 44.45 -29.50
C ASN D 130 -8.52 43.55 -30.44
N VAL D 131 -8.91 42.38 -29.95
CA VAL D 131 -9.68 41.47 -30.78
C VAL D 131 -11.01 41.22 -30.11
N LEU D 132 -12.09 41.56 -30.79
CA LEU D 132 -13.42 41.36 -30.23
C LEU D 132 -13.76 39.87 -30.30
N ILE D 133 -14.44 39.37 -29.27
CA ILE D 133 -14.85 37.97 -29.17
C ILE D 133 -16.33 37.98 -28.80
N ARG D 134 -17.19 37.50 -29.70
CA ARG D 134 -18.62 37.47 -29.43
C ARG D 134 -19.02 36.07 -28.94
N VAL D 135 -19.79 36.03 -27.86
CA VAL D 135 -20.23 34.77 -27.26
C VAL D 135 -21.71 34.45 -27.52
N TYR D 136 -21.97 33.22 -27.96
CA TYR D 136 -23.33 32.76 -28.24
C TYR D 136 -23.61 31.56 -27.36
N GLU D 137 -24.45 31.71 -26.37
CA GLU D 137 -24.80 30.60 -25.48
C GLU D 137 -26.18 30.11 -25.89
N ASN D 138 -26.26 28.98 -26.59
CA ASN D 138 -27.53 28.42 -27.06
C ASN D 138 -28.18 29.28 -28.14
N LYS D 139 -27.42 29.58 -29.19
CA LYS D 139 -27.91 30.39 -30.30
C LYS D 139 -28.44 31.76 -29.91
N ARG D 140 -27.80 32.37 -28.92
CA ARG D 140 -28.18 33.71 -28.44
C ARG D 140 -26.91 34.44 -28.02
N ASN D 141 -26.63 35.60 -28.62
CA ASN D 141 -25.44 36.35 -28.25
C ASN D 141 -25.66 36.84 -26.82
N THR D 142 -24.90 36.29 -25.89
CA THR D 142 -25.07 36.64 -24.49
C THR D 142 -24.07 37.68 -24.03
N ILE D 143 -22.81 37.49 -24.39
CA ILE D 143 -21.75 38.41 -23.99
C ILE D 143 -20.71 38.53 -25.10
N SER D 144 -19.91 39.59 -25.06
CA SER D 144 -18.86 39.82 -26.02
C SER D 144 -17.70 40.41 -25.22
N PHE D 145 -16.49 40.33 -25.77
CA PHE D 145 -15.29 40.88 -25.12
C PHE D 145 -14.12 41.01 -26.09
N GLU D 146 -13.11 41.76 -25.68
CA GLU D 146 -11.95 41.94 -26.51
C GLU D 146 -10.79 41.30 -25.81
N VAL D 147 -9.75 40.95 -26.57
CA VAL D 147 -8.56 40.35 -26.00
C VAL D 147 -7.36 41.07 -26.64
N GLN D 148 -6.59 41.74 -25.81
CA GLN D 148 -5.43 42.50 -26.27
C GLN D 148 -4.29 41.61 -26.78
N THR D 149 -3.33 42.22 -27.49
CA THR D 149 -2.18 41.52 -28.04
C THR D 149 -1.23 42.47 -28.80
N ASP D 150 0.06 42.34 -28.50
CA ASP D 150 1.12 43.18 -29.08
C ASP D 150 1.59 42.79 -30.48
N LYS D 151 0.77 42.04 -31.21
CA LYS D 151 1.17 41.57 -32.54
C LYS D 151 0.19 41.86 -33.67
N LYS D 152 0.73 42.09 -34.86
CA LYS D 152 -0.11 42.31 -36.02
C LYS D 152 -0.54 40.93 -36.49
N SER D 153 0.40 40.00 -36.45
CA SER D 153 0.17 38.62 -36.87
C SER D 153 0.32 37.76 -35.64
N VAL D 154 -0.83 37.31 -35.16
CA VAL D 154 -0.87 36.45 -34.00
C VAL D 154 -1.20 35.07 -34.54
N THR D 155 -1.40 34.13 -33.63
CA THR D 155 -1.75 32.76 -33.95
C THR D 155 -3.19 32.60 -33.44
N ALA D 156 -4.01 31.78 -34.11
CA ALA D 156 -5.39 31.54 -33.64
C ALA D 156 -5.28 30.94 -32.24
N GLN D 157 -4.26 30.12 -32.04
CA GLN D 157 -3.98 29.49 -30.76
C GLN D 157 -3.99 30.55 -29.66
N GLU D 158 -3.04 31.49 -29.76
CA GLU D 158 -2.91 32.59 -28.81
C GLU D 158 -4.24 33.19 -28.47
N LEU D 159 -5.04 33.49 -29.49
CA LEU D 159 -6.35 34.09 -29.28
C LEU D 159 -7.33 33.14 -28.58
N ASP D 160 -7.29 31.87 -29.01
CA ASP D 160 -8.14 30.80 -28.48
C ASP D 160 -7.84 30.57 -27.00
N ILE D 161 -6.55 30.54 -26.66
CA ILE D 161 -6.14 30.37 -25.29
C ILE D 161 -6.73 31.56 -24.53
N LYS D 162 -6.34 32.77 -24.97
CA LYS D 162 -6.78 34.01 -24.36
C LYS D 162 -8.28 34.13 -24.32
N ALA D 163 -8.91 33.58 -25.34
CA ALA D 163 -10.35 33.60 -25.45
C ALA D 163 -10.93 32.74 -24.33
N ARG D 164 -10.45 31.51 -24.24
CA ARG D 164 -10.92 30.52 -23.26
C ARG D 164 -10.61 30.88 -21.81
N ASN D 165 -9.39 31.35 -21.56
CA ASN D 165 -8.98 31.75 -20.22
C ASN D 165 -10.06 32.66 -19.66
N PHE D 166 -10.39 33.73 -20.39
CA PHE D 166 -11.43 34.69 -20.04
C PHE D 166 -12.73 33.98 -19.62
N LEU D 167 -13.18 33.02 -20.43
CA LEU D 167 -14.40 32.25 -20.15
C LEU D 167 -14.36 31.32 -18.93
N ILE D 168 -13.19 30.78 -18.63
CA ILE D 168 -13.02 29.90 -17.49
C ILE D 168 -13.47 30.65 -16.23
N ASN D 169 -13.06 31.92 -16.17
CA ASN D 169 -13.38 32.79 -15.05
C ASN D 169 -14.78 33.35 -15.08
N LYS D 170 -15.21 33.85 -16.23
CA LYS D 170 -16.56 34.43 -16.34
C LYS D 170 -17.73 33.46 -16.50
N LYS D 171 -17.55 32.43 -17.31
CA LYS D 171 -18.62 31.47 -17.56
C LYS D 171 -18.36 30.06 -17.02
N ASN D 172 -17.22 29.87 -16.37
CA ASN D 172 -16.86 28.57 -15.81
C ASN D 172 -16.92 27.52 -16.91
N LEU D 173 -16.36 27.91 -18.06
CA LEU D 173 -16.32 27.08 -19.26
C LEU D 173 -15.91 25.65 -18.92
N TYR D 174 -14.91 25.52 -18.06
CA TYR D 174 -14.44 24.20 -17.62
C TYR D 174 -14.37 24.23 -16.10
N GLU D 175 -15.11 23.35 -15.46
CA GLU D 175 -15.07 23.27 -14.02
C GLU D 175 -13.96 22.25 -13.78
N PHE D 176 -13.69 21.91 -12.53
CA PHE D 176 -12.63 20.94 -12.22
C PHE D 176 -13.01 19.50 -12.62
N ASN D 177 -14.30 19.16 -12.52
CA ASN D 177 -14.75 17.81 -12.86
C ASN D 177 -15.69 17.80 -14.05
N SER D 178 -16.29 18.94 -14.35
CA SER D 178 -17.25 19.04 -15.44
C SER D 178 -17.24 20.42 -16.12
N SER D 179 -18.39 20.83 -16.64
CA SER D 179 -18.57 22.11 -17.31
C SER D 179 -20.05 22.38 -17.42
N PRO D 180 -20.47 23.64 -17.38
CA PRO D 180 -21.90 23.90 -17.48
C PRO D 180 -22.38 23.71 -18.93
N TYR D 181 -21.46 23.80 -19.88
CA TYR D 181 -21.82 23.66 -21.28
C TYR D 181 -21.64 22.27 -21.82
N GLU D 182 -22.49 21.91 -22.79
CA GLU D 182 -22.42 20.61 -23.42
C GLU D 182 -21.47 20.62 -24.60
N THR D 183 -21.49 21.72 -25.36
CA THR D 183 -20.63 21.85 -26.53
C THR D 183 -20.04 23.26 -26.58
N GLY D 184 -19.02 23.45 -27.41
CA GLY D 184 -18.41 24.76 -27.55
C GLY D 184 -17.32 24.81 -28.61
N TYR D 185 -17.59 25.52 -29.71
CA TYR D 185 -16.60 25.66 -30.77
C TYR D 185 -16.29 27.14 -30.97
N ILE D 186 -15.01 27.44 -31.13
CA ILE D 186 -14.58 28.80 -31.30
C ILE D 186 -14.35 29.01 -32.78
N LYS D 187 -15.27 29.72 -33.43
CA LYS D 187 -15.15 29.98 -34.86
C LYS D 187 -14.27 31.18 -35.15
N PHE D 188 -13.28 30.94 -36.02
CA PHE D 188 -12.37 31.98 -36.45
C PHE D 188 -12.81 32.41 -37.85
N ILE D 189 -12.82 33.72 -38.07
CA ILE D 189 -13.24 34.30 -39.35
C ILE D 189 -12.29 35.45 -39.64
N GLU D 190 -11.56 35.34 -40.74
CA GLU D 190 -10.61 36.38 -41.11
C GLU D 190 -11.24 37.42 -42.05
N SER D 191 -10.40 38.31 -42.57
CA SER D 191 -10.84 39.35 -43.49
C SER D 191 -11.37 38.81 -44.82
N ASN D 192 -10.72 37.78 -45.34
CA ASN D 192 -11.11 37.19 -46.62
C ASN D 192 -12.23 36.15 -46.53
N GLY D 193 -12.98 36.17 -45.44
CA GLY D 193 -14.08 35.23 -45.28
C GLY D 193 -13.68 33.81 -44.89
N ASN D 194 -12.38 33.53 -44.91
CA ASN D 194 -11.85 32.22 -44.54
C ASN D 194 -12.31 31.92 -43.12
N THR D 195 -12.85 30.72 -42.91
CA THR D 195 -13.36 30.33 -41.60
C THR D 195 -12.79 29.00 -41.10
N PHE D 196 -12.39 28.98 -39.85
CA PHE D 196 -11.83 27.79 -39.22
C PHE D 196 -12.20 27.81 -37.74
N TRP D 197 -12.87 26.75 -37.27
CA TRP D 197 -13.27 26.66 -35.87
C TRP D 197 -12.54 25.53 -35.17
N TYR D 198 -12.61 25.53 -33.85
CA TYR D 198 -11.96 24.54 -33.01
C TYR D 198 -12.97 24.07 -31.94
N ASP D 199 -12.81 22.85 -31.44
CA ASP D 199 -13.72 22.32 -30.41
C ASP D 199 -13.14 22.28 -28.99
N MET D 200 -13.78 23.04 -28.13
CA MET D 200 -13.41 23.17 -26.72
C MET D 200 -13.70 21.97 -25.80
N MET D 201 -14.69 21.16 -26.14
CA MET D 201 -15.04 20.00 -25.33
C MET D 201 -14.15 18.81 -25.64
N PRO D 202 -13.81 18.01 -24.60
CA PRO D 202 -12.96 16.82 -24.74
C PRO D 202 -13.68 15.69 -25.46
N ALA D 203 -12.98 15.02 -26.37
CA ALA D 203 -13.58 13.92 -27.09
C ALA D 203 -14.17 12.94 -26.10
N PRO D 204 -15.42 12.52 -26.33
CA PRO D 204 -16.11 11.57 -25.46
C PRO D 204 -15.25 10.34 -25.17
N GLY D 205 -15.08 10.06 -23.88
CA GLY D 205 -14.27 8.93 -23.43
C GLY D 205 -14.06 9.10 -21.95
N ASP D 206 -13.12 8.33 -21.40
CA ASP D 206 -12.82 8.42 -19.97
C ASP D 206 -11.40 8.94 -19.77
N LYS D 207 -10.84 9.52 -20.83
CA LYS D 207 -9.50 10.08 -20.76
C LYS D 207 -9.36 11.37 -21.57
N PHE D 208 -8.34 12.14 -21.22
CA PHE D 208 -8.02 13.38 -21.90
C PHE D 208 -6.50 13.41 -22.11
N ASP D 209 -6.10 13.19 -23.36
CA ASP D 209 -4.70 13.17 -23.73
C ASP D 209 -4.35 14.59 -24.12
N GLN D 210 -3.88 15.37 -23.14
CA GLN D 210 -3.50 16.77 -23.35
C GLN D 210 -2.58 16.98 -24.56
N SER D 211 -1.64 16.07 -24.77
CA SER D 211 -0.74 16.19 -25.89
C SER D 211 -1.45 15.97 -27.21
N LYS D 212 -2.48 15.14 -27.18
CA LYS D 212 -3.27 14.82 -28.37
C LYS D 212 -4.17 15.98 -28.74
N TYR D 213 -4.73 16.65 -27.74
CA TYR D 213 -5.62 17.78 -27.99
C TYR D 213 -4.85 18.94 -28.57
N LEU D 214 -3.80 19.36 -27.87
CA LEU D 214 -3.00 20.50 -28.30
C LEU D 214 -2.45 20.47 -29.71
N MET D 215 -2.55 19.33 -30.39
CA MET D 215 -2.11 19.23 -31.77
C MET D 215 -2.99 20.11 -32.69
N ILE D 216 -4.16 20.54 -32.22
CA ILE D 216 -5.02 21.39 -33.07
C ILE D 216 -4.22 22.63 -33.47
N TYR D 217 -3.09 22.84 -32.81
CA TYR D 217 -2.24 23.97 -33.08
C TYR D 217 -0.95 23.53 -33.77
N LYS D 218 -0.94 22.35 -34.38
CA LYS D 218 0.29 21.87 -35.00
C LYS D 218 0.78 22.66 -36.20
N ASP D 219 -0.17 23.15 -37.00
CA ASP D 219 0.08 23.92 -38.22
C ASP D 219 0.74 25.29 -38.06
N ASN D 220 0.51 25.92 -36.91
CA ASN D 220 1.05 27.24 -36.63
C ASN D 220 0.22 28.29 -37.40
N LYS D 221 -1.09 28.08 -37.49
CA LYS D 221 -1.97 29.01 -38.20
C LYS D 221 -1.96 30.40 -37.55
N MET D 222 -1.55 31.39 -38.34
CA MET D 222 -1.48 32.79 -37.89
C MET D 222 -2.58 33.63 -38.52
N VAL D 223 -3.02 34.65 -37.81
CA VAL D 223 -4.04 35.56 -38.33
C VAL D 223 -3.76 37.04 -38.04
N ASP D 224 -4.22 37.88 -38.96
CA ASP D 224 -4.10 39.34 -38.88
C ASP D 224 -5.05 39.70 -37.73
N SER D 225 -4.49 40.15 -36.63
CA SER D 225 -5.29 40.50 -35.46
C SER D 225 -6.20 41.70 -35.65
N LYS D 226 -5.73 42.67 -36.43
CA LYS D 226 -6.45 43.92 -36.71
C LYS D 226 -7.73 43.83 -37.54
N SER D 227 -8.00 42.67 -38.13
CA SER D 227 -9.19 42.50 -38.96
C SER D 227 -9.98 41.20 -38.77
N VAL D 228 -9.48 40.31 -37.90
CA VAL D 228 -10.11 39.01 -37.63
C VAL D 228 -11.28 39.05 -36.64
N LYS D 229 -12.32 38.27 -36.96
CA LYS D 229 -13.52 38.15 -36.13
C LYS D 229 -13.54 36.75 -35.49
N ILE D 230 -13.75 36.69 -34.18
CA ILE D 230 -13.79 35.43 -33.44
C ILE D 230 -15.14 35.23 -32.75
N GLU D 231 -15.82 34.13 -33.02
CA GLU D 231 -17.12 33.88 -32.40
C GLU D 231 -17.13 32.62 -31.55
N VAL D 232 -17.20 32.78 -30.24
CA VAL D 232 -17.24 31.62 -29.34
C VAL D 232 -18.68 31.16 -29.27
N HIS D 233 -18.91 29.90 -29.61
CA HIS D 233 -20.24 29.35 -29.58
C HIS D 233 -20.29 28.28 -28.50
N LEU D 234 -21.37 28.30 -27.74
CA LEU D 234 -21.58 27.35 -26.64
C LEU D 234 -23.01 26.82 -26.64
N THR D 235 -23.22 25.74 -25.92
CA THR D 235 -24.54 25.15 -25.81
C THR D 235 -24.63 24.51 -24.45
N THR D 236 -25.85 24.44 -23.92
CA THR D 236 -26.09 23.85 -22.62
C THR D 236 -27.07 22.70 -22.79
N LYS D 237 -26.86 21.61 -22.06
CA LYS D 237 -27.70 20.42 -22.13
C LYS D 237 -29.22 20.58 -22.13
N ASN D 238 -29.72 21.76 -21.77
CA ASN D 238 -31.17 21.99 -21.73
C ASN D 238 -31.53 23.21 -22.56
N GLY D 239 -31.12 24.39 -22.08
CA GLY D 239 -31.40 25.63 -22.77
C GLY D 239 -30.88 26.79 -21.96
#